data_2V7V
#
_entry.id   2V7V
#
_cell.length_a   75.892
_cell.length_b   129.946
_cell.length_c   184.491
_cell.angle_alpha   90.00
_cell.angle_beta   90.00
_cell.angle_gamma   90.00
#
_symmetry.space_group_name_H-M   'C 2 2 21'
#
loop_
_entity.id
_entity.type
_entity.pdbx_description
1 polymer "5'-FLUORO-5'-DEOXYADENOSINE SYNTHASE"
2 non-polymer "5'-FLUORO-5'-DEOXYADENOSINE"
3 water water
#
_entity_poly.entity_id   1
_entity_poly.type   'polypeptide(L)'
_entity_poly.pdbx_seq_one_letter_code
;MAANSTRRPIIAFMSDLGTTDDSVAQCKGLMYSICPDVTVVDVCHSMTPWDVEEGARYIVDLPRFFPEGTVFATTTYPAT
GTTTRSVAVRIKQAAKGGARGQWAGSGAGFERAEGSYIYIAPNNGLLTTVLEEHGYLEAYEVTSPKVIPEQPEPTFYSRE
MVAIPSAHLAAGFPLSEVGRPLEDHEIVRFNRPAVEQDGEALVGVVSAIDHPFGNVWTNIHRTDLEKAGIGYGARLRLTL
DGVLPFEAPLTPTFADAGEIGNIAIYLNSRGYLSIARNAASLAYPYHLKEGMSARVEAR
;
_entity_poly.pdbx_strand_id   A,B,C
#
loop_
_chem_comp.id
_chem_comp.type
_chem_comp.name
_chem_comp.formula
5FD non-polymer 5'-FLUORO-5'-DEOXYADENOSINE 'C10 H12 F N5 O3'
#
# COMPACT_ATOMS: atom_id res chain seq x y z
N ARG A 8 10.99 21.43 1.66
CA ARG A 8 10.12 20.38 2.29
C ARG A 8 8.75 20.11 1.60
N PRO A 9 8.65 20.27 0.26
CA PRO A 9 7.32 20.14 -0.36
C PRO A 9 6.72 18.74 -0.25
N ILE A 10 5.39 18.68 -0.16
CA ILE A 10 4.65 17.41 -0.14
C ILE A 10 3.61 17.37 -1.26
N ILE A 11 3.50 16.22 -1.90
CA ILE A 11 2.37 15.94 -2.78
C ILE A 11 1.64 14.77 -2.15
N ALA A 12 0.36 14.98 -1.89
CA ALA A 12 -0.48 13.89 -1.41
C ALA A 12 -1.29 13.40 -2.60
N PHE A 13 -1.20 12.10 -2.85
CA PHE A 13 -1.56 11.51 -4.16
C PHE A 13 -2.71 10.51 -3.99
N MET A 14 -3.84 10.79 -4.66
CA MET A 14 -5.02 9.92 -4.58
C MET A 14 -5.40 9.56 -6.01
N SER A 15 -5.46 8.27 -6.33
CA SER A 15 -5.84 7.89 -7.69
C SER A 15 -6.70 6.65 -7.70
N ASP A 16 -7.14 6.27 -8.91
CA ASP A 16 -7.79 4.97 -9.12
C ASP A 16 -6.87 3.96 -9.80
N LEU A 17 -5.56 4.14 -9.68
CA LEU A 17 -4.59 3.29 -10.40
C LEU A 17 -4.33 1.93 -9.74
N GLY A 18 -4.79 1.76 -8.51
CA GLY A 18 -4.54 0.53 -7.74
C GLY A 18 -3.08 0.42 -7.32
N THR A 19 -2.77 -0.65 -6.59
CA THR A 19 -1.41 -0.91 -6.12
C THR A 19 -0.90 -2.26 -6.61
N THR A 20 -1.40 -2.72 -7.74
CA THR A 20 -1.07 -4.07 -8.19
C THR A 20 -0.04 -4.10 -9.33
N ASP A 21 0.24 -2.94 -9.93
CA ASP A 21 1.30 -2.84 -10.92
C ASP A 21 2.16 -1.58 -10.73
N ASP A 22 2.96 -1.25 -11.72
CA ASP A 22 3.89 -0.14 -11.61
C ASP A 22 3.32 1.25 -11.93
N SER A 23 2.01 1.36 -12.13
CA SER A 23 1.41 2.64 -12.51
C SER A 23 1.69 3.80 -11.53
N VAL A 24 1.44 3.57 -10.25
CA VAL A 24 1.70 4.62 -9.25
C VAL A 24 3.19 4.93 -9.19
N ALA A 25 4.02 3.88 -9.27
CA ALA A 25 5.47 4.07 -9.21
C ALA A 25 6.01 4.92 -10.38
N GLN A 26 5.46 4.77 -11.58
CA GLN A 26 5.87 5.61 -12.70
C GLN A 26 5.60 7.07 -12.39
N CYS A 27 4.42 7.33 -11.82
CA CYS A 27 4.02 8.68 -11.42
C CYS A 27 4.98 9.21 -10.37
N LYS A 28 5.26 8.40 -9.35
CA LYS A 28 6.17 8.83 -8.27
C LYS A 28 7.58 9.11 -8.80
N GLY A 29 8.10 8.23 -9.64
CA GLY A 29 9.42 8.47 -10.21
C GLY A 29 9.50 9.84 -10.89
N LEU A 30 8.47 10.20 -11.65
CA LEU A 30 8.45 11.51 -12.32
C LEU A 30 8.33 12.65 -11.32
N MET A 31 7.59 12.42 -10.24
CA MET A 31 7.46 13.43 -9.17
C MET A 31 8.81 13.73 -8.51
N TYR A 32 9.56 12.69 -8.14
CA TYR A 32 10.91 12.88 -7.61
C TYR A 32 11.87 13.45 -8.65
N SER A 33 11.69 13.10 -9.92
CA SER A 33 12.51 13.68 -11.00
C SER A 33 12.34 15.19 -11.11
N ILE A 34 11.08 15.64 -11.11
CA ILE A 34 10.74 17.05 -11.29
C ILE A 34 11.04 17.90 -10.05
N CYS A 35 10.75 17.35 -8.88
CA CYS A 35 10.87 18.06 -7.60
C CYS A 35 11.74 17.22 -6.66
N PRO A 36 13.07 17.34 -6.80
CA PRO A 36 14.00 16.44 -6.10
C PRO A 36 13.80 16.34 -4.59
N ASP A 37 13.37 17.44 -3.95
CA ASP A 37 13.18 17.49 -2.48
C ASP A 37 11.83 16.99 -1.98
N VAL A 38 10.96 16.55 -2.89
CA VAL A 38 9.55 16.31 -2.54
C VAL A 38 9.38 15.05 -1.66
N THR A 39 8.32 15.06 -0.87
CA THR A 39 7.83 13.84 -0.23
C THR A 39 6.48 13.50 -0.82
N VAL A 40 6.33 12.29 -1.34
CA VAL A 40 5.02 11.88 -1.89
C VAL A 40 4.31 11.04 -0.87
N VAL A 41 3.12 11.48 -0.44
CA VAL A 41 2.30 10.74 0.52
C VAL A 41 1.13 10.12 -0.23
N ASP A 42 0.97 8.81 -0.11
CA ASP A 42 -0.21 8.16 -0.69
C ASP A 42 -1.44 8.47 0.15
N VAL A 43 -2.53 8.84 -0.51
CA VAL A 43 -3.81 8.95 0.19
C VAL A 43 -4.41 7.55 0.09
N CYS A 44 -4.85 7.21 -1.11
CA CYS A 44 -5.24 5.84 -1.43
C CYS A 44 -5.35 5.69 -2.95
N HIS A 45 -5.27 4.46 -3.42
CA HIS A 45 -5.25 4.18 -4.86
C HIS A 45 -6.30 3.12 -5.23
N SER A 46 -7.18 2.84 -4.27
CA SER A 46 -8.11 1.73 -4.38
C SER A 46 -9.57 2.12 -4.70
N MET A 47 -9.84 3.41 -4.89
CA MET A 47 -11.23 3.83 -5.18
C MET A 47 -11.81 3.03 -6.34
N THR A 48 -13.13 2.89 -6.35
CA THR A 48 -13.82 2.32 -7.53
C THR A 48 -13.48 3.20 -8.74
N PRO A 49 -12.88 2.60 -9.79
CA PRO A 49 -12.55 3.41 -10.94
C PRO A 49 -13.76 4.17 -11.48
N TRP A 50 -13.54 5.44 -11.75
CA TRP A 50 -14.51 6.30 -12.46
C TRP A 50 -15.66 6.78 -11.57
N ASP A 51 -15.61 6.41 -10.29
CA ASP A 51 -16.61 6.86 -9.33
C ASP A 51 -16.13 8.19 -8.73
N VAL A 52 -16.55 9.29 -9.37
CA VAL A 52 -16.02 10.60 -8.98
C VAL A 52 -16.45 10.99 -7.58
N GLU A 53 -17.68 10.62 -7.20
CA GLU A 53 -18.23 10.90 -5.86
C GLU A 53 -17.45 10.23 -4.72
N GLU A 54 -17.02 9.00 -4.97
CA GLU A 54 -16.18 8.25 -4.02
C GLU A 54 -14.79 8.85 -3.88
N GLY A 55 -14.15 9.13 -5.01
CA GLY A 55 -12.85 9.83 -4.99
C GLY A 55 -12.94 11.15 -4.22
N ALA A 56 -14.06 11.86 -4.38
CA ALA A 56 -14.25 13.16 -3.70
C ALA A 56 -14.20 13.00 -2.17
N ARG A 57 -14.80 11.92 -1.65
CA ARG A 57 -14.82 11.61 -0.20
CA ARG A 57 -14.83 11.70 -0.20
C ARG A 57 -13.44 11.43 0.40
N TYR A 58 -12.52 10.90 -0.41
CA TYR A 58 -11.16 10.63 0.06
C TYR A 58 -10.24 11.85 0.08
N ILE A 59 -10.68 12.97 -0.49
CA ILE A 59 -9.79 14.16 -0.65
C ILE A 59 -10.36 15.44 -0.01
N VAL A 60 -11.66 15.44 0.25
CA VAL A 60 -12.34 16.69 0.71
C VAL A 60 -11.79 17.22 2.06
N ASP A 61 -11.42 16.30 2.93
CA ASP A 61 -11.07 16.64 4.31
C ASP A 61 -9.55 16.71 4.56
N LEU A 62 -8.75 16.50 3.51
CA LEU A 62 -7.28 16.44 3.67
C LEU A 62 -6.54 17.72 4.12
N PRO A 63 -6.92 18.92 3.61
CA PRO A 63 -6.05 20.10 3.83
C PRO A 63 -5.65 20.39 5.30
N ARG A 64 -6.59 20.31 6.22
CA ARG A 64 -6.24 20.71 7.60
C ARG A 64 -5.22 19.77 8.25
N PHE A 65 -5.07 18.56 7.71
CA PHE A 65 -4.08 17.61 8.22
C PHE A 65 -2.65 17.83 7.72
N PHE A 66 -2.51 18.57 6.62
CA PHE A 66 -1.22 18.67 5.95
C PHE A 66 -0.54 20.04 6.15
N PRO A 67 0.81 20.07 6.08
CA PRO A 67 1.53 21.33 6.13
C PRO A 67 1.06 22.27 5.03
N GLU A 68 1.03 23.56 5.34
CA GLU A 68 0.71 24.58 4.34
C GLU A 68 1.64 24.43 3.14
N GLY A 69 1.08 24.62 1.96
CA GLY A 69 1.88 24.55 0.73
C GLY A 69 1.79 23.17 0.08
N THR A 70 1.13 22.22 0.74
CA THR A 70 0.95 20.87 0.17
C THR A 70 0.15 20.93 -1.13
N VAL A 71 0.53 20.07 -2.08
CA VAL A 71 -0.22 19.92 -3.33
C VAL A 71 -0.95 18.58 -3.31
N PHE A 72 -2.24 18.62 -3.64
CA PHE A 72 -3.06 17.41 -3.71
C PHE A 72 -3.25 17.00 -5.15
N ALA A 73 -2.65 15.86 -5.50
CA ALA A 73 -2.77 15.29 -6.85
C ALA A 73 -3.83 14.20 -6.78
N THR A 74 -5.00 14.49 -7.35
CA THR A 74 -6.19 13.64 -7.13
C THR A 74 -6.81 13.32 -8.45
N THR A 75 -6.95 12.03 -8.76
CA THR A 75 -7.34 11.66 -10.12
C THR A 75 -8.07 10.31 -10.32
N THR A 76 -9.26 10.38 -10.92
CA THR A 76 -9.77 9.28 -11.73
C THR A 76 -10.03 9.94 -13.09
N TYR A 77 -9.55 9.31 -14.16
CA TYR A 77 -9.51 10.01 -15.45
C TYR A 77 -10.17 9.22 -16.58
N PRO A 78 -11.48 8.93 -16.45
CA PRO A 78 -12.12 8.20 -17.54
C PRO A 78 -12.09 8.91 -18.90
N ALA A 79 -11.86 10.23 -18.91
CA ALA A 79 -11.76 10.99 -20.16
C ALA A 79 -10.33 11.10 -20.68
N THR A 80 -9.45 10.23 -20.18
CA THR A 80 -8.05 10.20 -20.59
C THR A 80 -7.93 10.14 -22.12
N GLY A 81 -7.02 10.93 -22.67
CA GLY A 81 -6.73 10.89 -24.10
C GLY A 81 -7.65 11.73 -24.96
N THR A 82 -8.57 12.45 -24.30
CA THR A 82 -9.47 13.35 -25.04
C THR A 82 -8.90 14.78 -24.98
N THR A 83 -9.62 15.74 -25.56
CA THR A 83 -9.14 17.13 -25.53
C THR A 83 -9.29 17.80 -24.18
N THR A 84 -9.94 17.14 -23.22
CA THR A 84 -10.07 17.70 -21.88
C THR A 84 -8.69 18.00 -21.30
N ARG A 85 -8.65 18.98 -20.39
CA ARG A 85 -7.45 19.31 -19.64
C ARG A 85 -7.79 19.46 -18.17
N SER A 86 -6.81 19.14 -17.32
CA SER A 86 -6.98 19.24 -15.89
C SER A 86 -7.25 20.66 -15.42
N VAL A 87 -7.77 20.76 -14.20
CA VAL A 87 -7.91 22.05 -13.52
C VAL A 87 -6.98 22.05 -12.32
N ALA A 88 -6.29 23.16 -12.10
CA ALA A 88 -5.54 23.34 -10.84
C ALA A 88 -6.13 24.53 -10.08
N VAL A 89 -6.43 24.33 -8.79
CA VAL A 89 -7.14 25.35 -8.02
C VAL A 89 -6.40 25.59 -6.70
N ARG A 90 -6.31 26.85 -6.26
CA ARG A 90 -5.85 27.14 -4.90
C ARG A 90 -7.09 27.33 -4.04
N ILE A 91 -7.22 26.52 -3.00
CA ILE A 91 -8.42 26.63 -2.17
C ILE A 91 -8.31 27.78 -1.19
N LYS A 92 -9.44 28.17 -0.60
CA LYS A 92 -9.46 29.32 0.28
C LYS A 92 -9.26 28.87 1.72
N GLN A 93 -10.29 28.27 2.32
CA GLN A 93 -10.29 27.94 3.74
C GLN A 93 -9.93 26.47 3.93
N ALA A 94 -9.00 26.17 4.82
CA ALA A 94 -8.64 24.77 5.08
C ALA A 94 -9.68 24.05 5.92
N ALA A 95 -10.38 24.77 6.81
CA ALA A 95 -11.36 24.17 7.73
C ALA A 95 -12.71 24.88 7.71
N LYS A 96 -12.96 25.64 8.78
CA LYS A 96 -14.28 26.18 9.22
C LYS A 96 -15.56 25.50 8.69
N GLY A 97 -15.86 25.64 7.40
CA GLY A 97 -16.93 24.86 6.75
C GLY A 97 -16.64 23.36 6.85
N GLY A 98 -15.43 22.98 6.46
CA GLY A 98 -14.90 21.64 6.75
C GLY A 98 -14.07 21.64 8.03
N ALA A 99 -14.52 22.38 9.04
CA ALA A 99 -13.87 22.40 10.35
C ALA A 99 -13.75 20.99 10.89
N ARG A 100 -14.93 20.41 11.19
CA ARG A 100 -15.08 19.10 11.83
C ARG A 100 -14.37 19.01 13.19
N GLY A 101 -15.03 19.60 14.19
CA GLY A 101 -14.40 19.95 15.46
C GLY A 101 -13.88 21.36 15.21
N GLN A 102 -12.58 21.44 14.92
CA GLN A 102 -11.96 22.66 14.43
C GLN A 102 -10.65 22.26 13.73
N TRP A 103 -9.53 22.72 14.27
CA TRP A 103 -8.23 22.41 13.69
C TRP A 103 -7.71 21.08 14.22
N ALA A 104 -7.00 20.37 13.35
CA ALA A 104 -6.47 19.05 13.68
C ALA A 104 -5.10 19.20 14.38
N GLY A 105 -4.72 18.20 15.19
CA GLY A 105 -3.45 18.22 15.89
C GLY A 105 -3.55 18.29 17.40
N SER A 106 -2.39 18.32 18.05
CA SER A 106 -2.29 18.36 19.50
C SER A 106 -2.70 19.74 20.00
N GLY A 107 -2.91 19.85 21.31
CA GLY A 107 -3.41 21.09 21.91
C GLY A 107 -4.71 21.54 21.28
N ALA A 108 -4.77 22.81 20.86
CA ALA A 108 -5.95 23.36 20.18
C ALA A 108 -5.93 23.12 18.67
N GLY A 109 -5.00 22.29 18.20
CA GLY A 109 -4.86 22.02 16.78
C GLY A 109 -4.01 23.03 16.03
N PHE A 110 -3.79 22.77 14.75
CA PHE A 110 -2.91 23.60 13.94
C PHE A 110 -3.70 24.47 12.98
N GLU A 111 -3.75 25.77 13.22
CA GLU A 111 -4.47 26.68 12.36
C GLU A 111 -3.73 26.77 11.03
N ARG A 112 -4.48 26.69 9.93
CA ARG A 112 -3.88 26.81 8.61
C ARG A 112 -4.30 28.11 7.94
N ALA A 113 -3.31 28.85 7.41
CA ALA A 113 -3.59 30.10 6.73
C ALA A 113 -4.47 29.84 5.51
N GLU A 114 -5.28 30.84 5.12
CA GLU A 114 -6.07 30.76 3.89
C GLU A 114 -5.19 30.72 2.64
N GLY A 115 -5.71 30.12 1.57
CA GLY A 115 -4.97 30.00 0.29
C GLY A 115 -3.69 29.17 0.35
N SER A 116 -3.65 28.16 1.21
CA SER A 116 -2.40 27.45 1.49
C SER A 116 -2.27 26.08 0.81
N TYR A 117 -3.27 25.69 0.01
CA TYR A 117 -3.29 24.35 -0.59
C TYR A 117 -3.75 24.41 -2.04
N ILE A 118 -3.14 23.59 -2.87
CA ILE A 118 -3.51 23.49 -4.28
C ILE A 118 -3.98 22.08 -4.55
N TYR A 119 -5.09 21.96 -5.30
CA TYR A 119 -5.48 20.67 -5.84
C TYR A 119 -5.30 20.68 -7.35
N ILE A 120 -4.87 19.57 -7.92
CA ILE A 120 -4.89 19.40 -9.36
C ILE A 120 -5.58 18.09 -9.71
N ALA A 121 -6.50 18.14 -10.69
CA ALA A 121 -7.39 17.02 -10.93
C ALA A 121 -7.92 17.10 -12.34
N PRO A 122 -8.45 16.00 -12.87
CA PRO A 122 -9.26 16.10 -14.07
C PRO A 122 -10.39 17.07 -13.80
N ASN A 123 -10.83 17.77 -14.84
CA ASN A 123 -11.98 18.65 -14.69
C ASN A 123 -13.24 17.84 -14.98
N ASN A 124 -13.55 16.91 -14.08
CA ASN A 124 -14.70 16.02 -14.27
C ASN A 124 -15.63 16.00 -13.04
N GLY A 125 -15.49 16.99 -12.16
CA GLY A 125 -16.31 17.07 -10.94
C GLY A 125 -15.68 16.43 -9.72
N LEU A 126 -14.52 15.83 -9.88
CA LEU A 126 -13.84 15.22 -8.75
C LEU A 126 -13.67 16.19 -7.57
N LEU A 127 -13.45 17.46 -7.88
CA LEU A 127 -13.21 18.50 -6.87
C LEU A 127 -14.49 19.19 -6.35
N THR A 128 -15.66 18.65 -6.69
CA THR A 128 -16.94 19.31 -6.35
C THR A 128 -17.06 19.68 -4.86
N THR A 129 -16.83 18.69 -3.99
CA THR A 129 -17.01 18.90 -2.56
C THR A 129 -15.84 19.69 -1.94
N VAL A 130 -14.64 19.54 -2.52
CA VAL A 130 -13.49 20.35 -2.10
C VAL A 130 -13.84 21.84 -2.29
N LEU A 131 -14.39 22.17 -3.44
CA LEU A 131 -14.74 23.58 -3.73
C LEU A 131 -15.92 24.08 -2.89
N GLU A 132 -16.89 23.19 -2.65
CA GLU A 132 -18.05 23.52 -1.82
C GLU A 132 -17.63 23.82 -0.39
N GLU A 133 -16.80 22.95 0.17
CA GLU A 133 -16.44 23.03 1.57
C GLU A 133 -15.37 24.07 1.87
N HIS A 134 -14.45 24.26 0.93
CA HIS A 134 -13.29 25.13 1.16
C HIS A 134 -13.30 26.45 0.43
N GLY A 135 -14.10 26.55 -0.63
CA GLY A 135 -14.05 27.72 -1.51
C GLY A 135 -12.74 27.69 -2.27
N TYR A 136 -12.55 28.65 -3.17
CA TYR A 136 -11.27 28.73 -3.89
C TYR A 136 -10.97 30.16 -4.29
N LEU A 137 -9.68 30.46 -4.44
CA LEU A 137 -9.21 31.79 -4.74
C LEU A 137 -8.87 31.98 -6.21
N GLU A 138 -8.45 30.90 -6.86
CA GLU A 138 -8.06 30.97 -8.26
C GLU A 138 -8.08 29.59 -8.89
N ALA A 139 -8.36 29.51 -10.18
CA ALA A 139 -8.46 28.22 -10.86
C ALA A 139 -7.98 28.37 -12.29
N TYR A 140 -7.21 27.40 -12.77
CA TYR A 140 -6.58 27.47 -14.09
C TYR A 140 -6.67 26.16 -14.83
N GLU A 141 -6.79 26.26 -16.15
CA GLU A 141 -6.72 25.10 -16.99
C GLU A 141 -5.26 24.70 -17.14
N VAL A 142 -4.97 23.41 -17.07
CA VAL A 142 -3.58 22.96 -17.13
C VAL A 142 -3.19 22.57 -18.56
N THR A 143 -2.51 23.50 -19.24
CA THR A 143 -2.23 23.34 -20.68
C THR A 143 -0.77 23.55 -21.09
N SER A 144 0.01 24.22 -20.25
CA SER A 144 1.37 24.62 -20.63
C SER A 144 2.32 23.42 -20.75
N PRO A 145 3.06 23.32 -21.89
CA PRO A 145 4.10 22.32 -22.09
C PRO A 145 5.24 22.41 -21.09
N LYS A 146 5.27 23.48 -20.28
CA LYS A 146 6.21 23.55 -19.16
C LYS A 146 5.87 22.55 -18.06
N VAL A 147 4.59 22.15 -17.99
CA VAL A 147 4.09 21.31 -16.90
C VAL A 147 3.38 20.01 -17.31
N ILE A 148 3.11 19.84 -18.60
CA ILE A 148 2.57 18.58 -19.14
C ILE A 148 3.39 18.16 -20.37
N PRO A 149 3.31 16.86 -20.75
CA PRO A 149 4.06 16.41 -21.91
C PRO A 149 3.50 17.02 -23.17
N GLU A 150 4.38 17.27 -24.13
CA GLU A 150 4.01 17.71 -25.47
C GLU A 150 3.27 16.58 -26.21
N GLN A 151 3.61 15.34 -25.86
CA GLN A 151 2.96 14.18 -26.48
C GLN A 151 2.47 13.25 -25.35
N PRO A 152 1.34 13.61 -24.71
CA PRO A 152 0.89 12.79 -23.59
C PRO A 152 0.39 11.41 -24.04
N GLU A 153 0.66 10.40 -23.21
CA GLU A 153 0.19 9.05 -23.44
C GLU A 153 -1.34 9.08 -23.36
N PRO A 154 -2.04 8.71 -24.45
CA PRO A 154 -3.51 8.86 -24.46
C PRO A 154 -4.25 8.13 -23.33
N THR A 155 -3.78 6.96 -22.93
CA THR A 155 -4.47 6.21 -21.90
C THR A 155 -3.88 6.42 -20.50
N PHE A 156 -3.03 7.44 -20.32
CA PHE A 156 -2.45 7.67 -18.99
C PHE A 156 -2.45 9.13 -18.51
N TYR A 157 -3.60 9.82 -18.67
CA TYR A 157 -3.70 11.22 -18.23
C TYR A 157 -3.54 11.39 -16.71
N SER A 158 -3.79 10.33 -15.94
CA SER A 158 -3.53 10.44 -14.49
C SER A 158 -2.06 10.74 -14.24
N ARG A 159 -1.18 10.21 -15.11
CA ARG A 159 0.25 10.52 -15.06
C ARG A 159 0.57 11.86 -15.75
N GLU A 160 0.10 12.00 -16.99
CA GLU A 160 0.52 13.11 -17.86
C GLU A 160 -0.06 14.44 -17.40
N MET A 161 -1.32 14.41 -16.96
CA MET A 161 -2.11 15.63 -16.73
C MET A 161 -2.38 15.89 -15.27
N VAL A 162 -1.86 15.03 -14.39
CA VAL A 162 -2.04 15.23 -12.96
C VAL A 162 -0.73 15.03 -12.21
N ALA A 163 -0.14 13.83 -12.25
CA ALA A 163 1.12 13.57 -11.51
C ALA A 163 2.23 14.54 -11.91
N ILE A 164 2.49 14.62 -13.21
CA ILE A 164 3.57 15.47 -13.74
C ILE A 164 3.40 16.95 -13.36
N PRO A 165 2.26 17.58 -13.74
CA PRO A 165 2.08 18.98 -13.31
C PRO A 165 2.01 19.20 -11.81
N SER A 166 1.56 18.22 -11.03
CA SER A 166 1.53 18.39 -9.56
C SER A 166 2.94 18.56 -9.02
N ALA A 167 3.89 17.85 -9.64
CA ALA A 167 5.31 17.94 -9.23
C ALA A 167 5.90 19.29 -9.59
N HIS A 168 5.54 19.85 -10.74
CA HIS A 168 5.98 21.22 -11.10
C HIS A 168 5.47 22.25 -10.09
N LEU A 169 4.20 22.11 -9.70
CA LEU A 169 3.60 23.00 -8.69
C LEU A 169 4.31 22.83 -7.34
N ALA A 170 4.58 21.59 -6.93
CA ALA A 170 5.32 21.36 -5.69
C ALA A 170 6.74 21.97 -5.77
N ALA A 171 7.34 21.92 -6.95
CA ALA A 171 8.65 22.50 -7.21
C ALA A 171 8.64 24.05 -7.30
N GLY A 172 7.47 24.68 -7.22
CA GLY A 172 7.40 26.15 -7.18
C GLY A 172 7.01 26.83 -8.48
N PHE A 173 6.64 26.03 -9.48
CA PHE A 173 6.17 26.60 -10.74
C PHE A 173 4.91 27.43 -10.44
N PRO A 174 4.88 28.70 -10.89
CA PRO A 174 3.73 29.57 -10.56
C PRO A 174 2.41 29.01 -11.06
N LEU A 175 1.45 28.92 -10.15
CA LEU A 175 0.15 28.35 -10.45
C LEU A 175 -0.52 29.02 -11.66
N SER A 176 -0.46 30.35 -11.71
CA SER A 176 -1.13 31.11 -12.78
C SER A 176 -0.48 30.93 -14.13
N GLU A 177 0.67 30.27 -14.16
CA GLU A 177 1.38 30.01 -15.41
C GLU A 177 1.03 28.63 -16.04
N VAL A 178 0.19 27.82 -15.38
CA VAL A 178 -0.15 26.49 -15.93
C VAL A 178 -1.05 26.56 -17.16
N GLY A 179 -1.75 27.70 -17.32
CA GLY A 179 -2.69 27.92 -18.40
C GLY A 179 -3.69 29.00 -18.04
N ARG A 180 -4.74 29.15 -18.85
CA ARG A 180 -5.67 30.27 -18.70
C ARG A 180 -6.58 30.13 -17.47
N PRO A 181 -7.03 31.26 -16.89
CA PRO A 181 -7.99 31.14 -15.78
C PRO A 181 -9.29 30.49 -16.23
N LEU A 182 -9.89 29.67 -15.37
CA LEU A 182 -11.21 29.11 -15.63
C LEU A 182 -12.29 29.87 -14.88
N GLU A 183 -13.38 30.19 -15.58
CA GLU A 183 -14.52 30.79 -14.93
C GLU A 183 -15.25 29.70 -14.14
N ASP A 184 -15.97 30.10 -13.10
CA ASP A 184 -16.60 29.14 -12.21
C ASP A 184 -17.46 28.10 -12.95
N HIS A 185 -18.24 28.57 -13.92
CA HIS A 185 -19.12 27.69 -14.71
C HIS A 185 -18.37 26.66 -15.56
N GLU A 186 -17.08 26.88 -15.82
CA GLU A 186 -16.25 25.93 -16.59
C GLU A 186 -15.67 24.82 -15.71
N ILE A 187 -15.89 24.92 -14.40
CA ILE A 187 -15.45 23.86 -13.48
C ILE A 187 -16.60 22.86 -13.29
N VAL A 188 -16.45 21.66 -13.84
CA VAL A 188 -17.48 20.63 -13.80
C VAL A 188 -17.79 20.26 -12.35
N ARG A 189 -19.09 20.16 -12.06
CA ARG A 189 -19.53 19.69 -10.75
C ARG A 189 -20.51 18.55 -10.86
N PHE A 190 -20.46 17.63 -9.89
CA PHE A 190 -21.53 16.65 -9.73
C PHE A 190 -22.61 17.15 -8.78
N ASN A 191 -23.83 16.62 -8.94
CA ASN A 191 -24.93 16.93 -8.05
C ASN A 191 -24.83 16.09 -6.79
N ARG A 192 -24.98 16.75 -5.64
CA ARG A 192 -25.04 16.06 -4.37
C ARG A 192 -26.50 15.94 -3.96
N PRO A 193 -27.03 14.72 -3.88
CA PRO A 193 -28.40 14.51 -3.40
C PRO A 193 -28.60 15.08 -1.99
N ALA A 194 -29.64 15.88 -1.82
CA ALA A 194 -29.95 16.47 -0.52
C ALA A 194 -30.60 15.46 0.42
N VAL A 195 -30.37 15.63 1.72
CA VAL A 195 -31.08 14.91 2.78
C VAL A 195 -32.52 15.45 2.81
N GLU A 196 -33.50 14.55 2.76
CA GLU A 196 -34.91 14.94 2.70
C GLU A 196 -35.63 14.80 4.05
N GLN A 197 -36.75 15.49 4.19
CA GLN A 197 -37.57 15.38 5.41
C GLN A 197 -38.88 14.67 5.12
N ASP A 198 -39.21 13.69 5.94
CA ASP A 198 -40.39 12.84 5.73
C ASP A 198 -40.93 12.18 7.01
N GLY A 199 -41.82 12.84 7.76
CA GLY A 199 -42.03 14.28 7.72
C GLY A 199 -41.25 14.85 8.89
N GLU A 200 -41.14 14.04 9.95
CA GLU A 200 -40.25 14.32 11.09
C GLU A 200 -38.97 13.46 11.02
N ALA A 201 -38.93 12.52 10.08
CA ALA A 201 -37.75 11.70 9.83
C ALA A 201 -36.88 12.26 8.70
N LEU A 202 -35.60 11.91 8.71
CA LEU A 202 -34.65 12.36 7.71
C LEU A 202 -34.26 11.19 6.82
N VAL A 203 -34.34 11.38 5.51
CA VAL A 203 -34.15 10.30 4.57
C VAL A 203 -32.92 10.57 3.70
N GLY A 204 -31.95 9.68 3.78
CA GLY A 204 -30.72 9.78 3.03
C GLY A 204 -30.32 8.43 2.50
N VAL A 205 -29.01 8.23 2.43
CA VAL A 205 -28.45 7.05 1.82
C VAL A 205 -27.22 6.61 2.62
N VAL A 206 -26.87 5.33 2.55
CA VAL A 206 -25.56 4.89 2.96
C VAL A 206 -24.57 5.47 1.95
N SER A 207 -23.69 6.35 2.44
CA SER A 207 -22.69 7.00 1.59
C SER A 207 -21.47 6.10 1.35
N ALA A 208 -21.12 5.29 2.35
CA ALA A 208 -19.97 4.38 2.28
C ALA A 208 -20.08 3.29 3.32
N ILE A 209 -19.54 2.12 2.98
CA ILE A 209 -19.22 1.12 3.99
C ILE A 209 -17.79 1.43 4.41
N ASP A 210 -17.58 1.63 5.70
CA ASP A 210 -16.28 2.02 6.21
C ASP A 210 -15.38 0.80 6.40
N HIS A 211 -14.63 0.45 5.35
CA HIS A 211 -13.70 -0.68 5.40
C HIS A 211 -12.48 -0.24 6.20
N PRO A 212 -11.81 -1.15 6.93
CA PRO A 212 -12.04 -2.59 7.05
C PRO A 212 -13.00 -3.00 8.16
N PHE A 213 -13.70 -2.05 8.76
CA PHE A 213 -14.46 -2.34 9.97
C PHE A 213 -15.88 -2.83 9.70
N GLY A 214 -16.43 -2.45 8.55
CA GLY A 214 -17.82 -2.72 8.25
C GLY A 214 -18.78 -1.79 8.97
N ASN A 215 -18.31 -0.60 9.33
CA ASN A 215 -19.20 0.45 9.83
C ASN A 215 -20.02 1.01 8.68
N VAL A 216 -21.19 1.54 8.98
CA VAL A 216 -22.07 2.08 7.93
C VAL A 216 -22.13 3.60 8.10
N TRP A 217 -21.70 4.33 7.08
CA TRP A 217 -21.75 5.79 7.13
C TRP A 217 -22.88 6.29 6.25
N THR A 218 -23.68 7.24 6.74
CA THR A 218 -24.74 7.84 5.92
C THR A 218 -24.34 9.24 5.51
N ASN A 219 -25.12 9.83 4.60
CA ASN A 219 -24.93 11.22 4.23
C ASN A 219 -25.77 12.19 5.06
N ILE A 220 -26.27 11.72 6.21
CA ILE A 220 -27.03 12.58 7.11
C ILE A 220 -26.04 13.20 8.09
N HIS A 221 -25.87 14.53 8.01
CA HIS A 221 -24.82 15.25 8.78
C HIS A 221 -25.27 15.72 10.18
N ARG A 222 -24.29 15.94 11.07
CA ARG A 222 -24.52 16.52 12.40
C ARG A 222 -25.39 17.77 12.34
N THR A 223 -25.12 18.62 11.35
CA THR A 223 -25.93 19.83 11.12
C THR A 223 -27.39 19.50 10.84
N ASP A 224 -27.65 18.42 10.08
CA ASP A 224 -29.03 18.01 9.79
C ASP A 224 -29.70 17.49 11.06
N LEU A 225 -28.95 16.74 11.87
CA LEU A 225 -29.46 16.28 13.17
C LEU A 225 -29.76 17.41 14.16
N GLU A 226 -28.83 18.37 14.30
CA GLU A 226 -29.03 19.45 15.29
C GLU A 226 -30.10 20.45 14.84
N LYS A 227 -30.35 20.47 13.52
CA LYS A 227 -31.51 21.14 12.94
C LYS A 227 -32.83 20.48 13.36
N ALA A 228 -32.80 19.18 13.61
CA ALA A 228 -34.00 18.45 14.02
C ALA A 228 -34.15 18.33 15.55
N GLY A 229 -33.29 19.02 16.30
CA GLY A 229 -33.27 18.91 17.76
C GLY A 229 -32.66 17.60 18.26
N ILE A 230 -31.93 16.90 17.38
CA ILE A 230 -31.31 15.62 17.71
C ILE A 230 -29.85 15.80 18.14
N GLY A 231 -29.56 15.34 19.34
CA GLY A 231 -28.20 15.37 19.87
C GLY A 231 -27.84 14.08 20.58
N TYR A 232 -26.64 14.02 21.15
CA TYR A 232 -26.20 12.83 21.90
C TYR A 232 -27.20 12.51 22.99
N GLY A 233 -27.54 11.23 23.13
CA GLY A 233 -28.51 10.79 24.13
C GLY A 233 -29.89 10.52 23.57
N ALA A 234 -30.16 11.05 22.39
CA ALA A 234 -31.45 10.85 21.72
C ALA A 234 -31.64 9.39 21.30
N ARG A 235 -32.78 8.81 21.69
CA ARG A 235 -33.16 7.48 21.22
C ARG A 235 -33.61 7.54 19.77
N LEU A 236 -32.89 6.85 18.90
CA LEU A 236 -33.12 6.95 17.47
C LEU A 236 -33.56 5.62 16.87
N ARG A 237 -34.37 5.71 15.81
CA ARG A 237 -34.63 4.55 14.96
C ARG A 237 -34.00 4.83 13.61
N LEU A 238 -33.05 3.98 13.21
CA LEU A 238 -32.37 4.14 11.93
C LEU A 238 -32.65 2.91 11.09
N THR A 239 -33.43 3.14 10.02
CA THR A 239 -33.88 2.11 9.12
C THR A 239 -33.01 2.07 7.85
N LEU A 240 -32.39 0.94 7.58
CA LEU A 240 -31.55 0.80 6.38
C LEU A 240 -32.20 -0.11 5.35
N ASP A 241 -31.95 0.20 4.08
CA ASP A 241 -32.49 -0.57 2.94
C ASP A 241 -34.02 -0.63 3.01
N GLY A 242 -34.63 0.35 3.69
CA GLY A 242 -36.08 0.43 3.85
C GLY A 242 -36.74 -0.55 4.82
N VAL A 243 -36.04 -1.65 5.14
CA VAL A 243 -36.62 -2.76 5.92
C VAL A 243 -35.77 -3.23 7.11
N LEU A 244 -34.44 -3.14 7.00
CA LEU A 244 -33.53 -3.50 8.09
C LEU A 244 -33.45 -2.36 9.08
N PRO A 245 -34.25 -2.40 10.16
CA PRO A 245 -34.15 -1.28 11.07
C PRO A 245 -33.25 -1.55 12.29
N PHE A 246 -32.89 -0.48 12.99
CA PHE A 246 -31.99 -0.50 14.15
C PHE A 246 -32.41 0.57 15.16
N GLU A 247 -32.23 0.28 16.45
CA GLU A 247 -32.59 1.23 17.49
C GLU A 247 -31.49 1.36 18.54
N ALA A 248 -31.02 2.59 18.73
CA ALA A 248 -30.05 2.91 19.79
C ALA A 248 -30.09 4.41 20.09
N PRO A 249 -29.57 4.81 21.28
CA PRO A 249 -29.30 6.22 21.48
C PRO A 249 -28.09 6.68 20.65
N LEU A 250 -28.10 7.95 20.25
CA LEU A 250 -26.93 8.56 19.62
C LEU A 250 -25.83 8.71 20.66
N THR A 251 -24.68 8.06 20.42
CA THR A 251 -23.56 8.12 21.37
C THR A 251 -22.29 8.60 20.65
N PRO A 252 -21.32 9.18 21.40
CA PRO A 252 -20.07 9.62 20.77
C PRO A 252 -19.22 8.50 20.14
N THR A 253 -19.23 7.31 20.71
CA THR A 253 -18.29 6.29 20.24
C THR A 253 -18.86 4.86 20.33
N PHE A 254 -18.10 3.89 19.83
CA PHE A 254 -18.55 2.49 19.75
C PHE A 254 -18.79 1.84 21.11
N ALA A 255 -17.85 2.04 22.03
CA ALA A 255 -17.86 1.35 23.30
C ALA A 255 -19.03 1.76 24.18
N ASP A 256 -19.69 2.87 23.83
CA ASP A 256 -20.89 3.32 24.55
C ASP A 256 -22.09 2.35 24.39
N ALA A 257 -21.97 1.47 23.39
CA ALA A 257 -22.99 0.43 23.18
C ALA A 257 -22.94 -0.67 24.25
N GLY A 258 -21.87 -0.69 25.05
CA GLY A 258 -21.73 -1.71 26.08
C GLY A 258 -21.02 -2.95 25.58
N GLU A 259 -21.72 -4.08 25.62
CA GLU A 259 -21.11 -5.35 25.26
C GLU A 259 -20.63 -5.34 23.82
N ILE A 260 -19.55 -6.09 23.57
CA ILE A 260 -19.06 -6.30 22.21
C ILE A 260 -20.18 -6.84 21.30
N GLY A 261 -20.34 -6.24 20.13
CA GLY A 261 -21.35 -6.68 19.17
C GLY A 261 -22.65 -5.91 19.22
N ASN A 262 -22.86 -5.14 20.30
CA ASN A 262 -24.04 -4.30 20.42
C ASN A 262 -24.04 -3.15 19.42
N ILE A 263 -25.23 -2.70 19.03
CA ILE A 263 -25.37 -1.64 18.04
C ILE A 263 -25.02 -0.28 18.64
N ALA A 264 -24.21 0.47 17.90
CA ALA A 264 -23.87 1.85 18.23
C ALA A 264 -24.33 2.74 17.08
N ILE A 265 -25.08 3.78 17.41
CA ILE A 265 -25.41 4.83 16.46
C ILE A 265 -24.63 6.06 16.94
N TYR A 266 -23.84 6.65 16.04
CA TYR A 266 -22.86 7.65 16.41
C TYR A 266 -22.61 8.63 15.29
N LEU A 267 -21.81 9.66 15.58
CA LEU A 267 -21.32 10.59 14.54
C LEU A 267 -19.87 10.25 14.21
N ASN A 268 -19.58 10.00 12.93
CA ASN A 268 -18.23 9.61 12.55
C ASN A 268 -17.27 10.81 12.56
N SER A 269 -15.99 10.57 12.29
CA SER A 269 -14.99 11.65 12.44
C SER A 269 -15.14 12.74 11.38
N ARG A 270 -15.99 12.50 10.38
CA ARG A 270 -16.31 13.54 9.40
CA ARG A 270 -16.34 13.51 9.36
C ARG A 270 -17.64 14.20 9.76
N GLY A 271 -18.22 13.79 10.89
CA GLY A 271 -19.46 14.42 11.38
C GLY A 271 -20.79 13.90 10.86
N TYR A 272 -20.79 12.70 10.27
CA TYR A 272 -22.00 12.12 9.68
C TYR A 272 -22.55 11.02 10.53
N LEU A 273 -23.88 10.97 10.61
CA LEU A 273 -24.59 9.89 11.27
C LEU A 273 -24.17 8.54 10.71
N SER A 274 -23.78 7.65 11.62
CA SER A 274 -23.21 6.37 11.25
C SER A 274 -23.77 5.28 12.17
N ILE A 275 -23.63 4.02 11.76
CA ILE A 275 -24.09 2.91 12.61
C ILE A 275 -23.09 1.77 12.50
N ALA A 276 -22.88 1.08 13.63
CA ALA A 276 -21.89 0.05 13.72
C ALA A 276 -22.26 -0.94 14.80
N ARG A 277 -21.48 -2.01 14.92
CA ARG A 277 -21.50 -2.81 16.13
C ARG A 277 -20.23 -2.51 16.89
N ASN A 278 -20.31 -2.63 18.22
CA ASN A 278 -19.15 -2.38 19.04
C ASN A 278 -18.13 -3.50 18.88
N ALA A 279 -17.00 -3.16 18.26
CA ALA A 279 -15.89 -4.10 18.01
C ALA A 279 -16.35 -5.39 17.33
N ALA A 280 -17.27 -5.21 16.38
CA ALA A 280 -17.71 -6.26 15.47
C ALA A 280 -18.15 -5.55 14.20
N SER A 281 -18.16 -6.28 13.09
CA SER A 281 -18.54 -5.71 11.81
C SER A 281 -20.05 -5.75 11.62
N LEU A 282 -20.65 -4.61 11.28
CA LEU A 282 -22.09 -4.56 11.03
C LEU A 282 -22.42 -4.91 9.59
N ALA A 283 -21.72 -4.29 8.65
CA ALA A 283 -22.08 -4.37 7.24
C ALA A 283 -21.84 -5.75 6.64
N TYR A 284 -20.74 -6.38 7.04
CA TYR A 284 -20.31 -7.58 6.31
C TYR A 284 -21.24 -8.80 6.50
N PRO A 285 -21.64 -9.12 7.75
CA PRO A 285 -22.52 -10.29 7.92
C PRO A 285 -23.87 -10.15 7.20
N TYR A 286 -24.36 -8.92 7.08
CA TYR A 286 -25.67 -8.71 6.49
C TYR A 286 -25.58 -8.18 5.07
N HIS A 287 -24.34 -8.09 4.56
CA HIS A 287 -24.10 -7.63 3.20
C HIS A 287 -24.76 -6.28 2.90
N LEU A 288 -24.59 -5.36 3.84
CA LEU A 288 -25.06 -4.00 3.66
C LEU A 288 -24.12 -3.26 2.71
N LYS A 289 -24.68 -2.34 1.92
CA LYS A 289 -23.96 -1.77 0.81
C LYS A 289 -24.19 -0.26 0.70
N GLU A 290 -23.23 0.43 0.10
CA GLU A 290 -23.41 1.84 -0.24
C GLU A 290 -24.56 2.00 -1.26
N GLY A 291 -25.33 3.07 -1.13
CA GLY A 291 -26.49 3.25 -2.00
C GLY A 291 -27.81 2.82 -1.38
N MET A 292 -27.74 2.00 -0.33
CA MET A 292 -28.95 1.58 0.36
C MET A 292 -29.55 2.78 1.02
N SER A 293 -30.87 2.85 1.07
CA SER A 293 -31.54 3.97 1.70
C SER A 293 -31.23 3.97 3.20
N ALA A 294 -31.27 5.15 3.81
CA ALA A 294 -31.09 5.30 5.25
C ALA A 294 -32.06 6.35 5.77
N ARG A 295 -32.90 5.94 6.72
CA ARG A 295 -33.88 6.84 7.34
C ARG A 295 -33.67 6.91 8.85
N VAL A 296 -33.66 8.11 9.41
CA VAL A 296 -33.51 8.27 10.85
C VAL A 296 -34.63 9.12 11.44
N GLU A 297 -35.12 8.69 12.60
CA GLU A 297 -36.09 9.47 13.36
C GLU A 297 -35.93 9.31 14.87
N ALA A 298 -36.30 10.35 15.60
CA ALA A 298 -36.33 10.30 17.05
C ALA A 298 -37.70 9.84 17.56
N ARG B 8 20.61 12.05 -1.99
CA ARG B 8 19.60 11.93 -3.05
C ARG B 8 19.19 10.51 -3.45
N PRO B 9 19.83 9.45 -2.90
CA PRO B 9 19.62 8.15 -3.56
C PRO B 9 18.21 7.60 -3.42
N ILE B 10 17.81 6.83 -4.42
CA ILE B 10 16.47 6.22 -4.44
C ILE B 10 16.62 4.74 -4.68
N ILE B 11 15.87 3.95 -3.91
CA ILE B 11 15.68 2.55 -4.20
C ILE B 11 14.22 2.35 -4.53
N ALA B 12 13.94 1.81 -5.71
CA ALA B 12 12.58 1.44 -6.07
C ALA B 12 12.46 -0.07 -5.88
N PHE B 13 11.46 -0.45 -5.10
CA PHE B 13 11.40 -1.77 -4.48
C PHE B 13 10.15 -2.53 -5.00
N MET B 14 10.38 -3.65 -5.67
CA MET B 14 9.28 -4.49 -6.16
C MET B 14 9.52 -5.89 -5.60
N SER B 15 8.53 -6.42 -4.89
CA SER B 15 8.66 -7.78 -4.36
C SER B 15 7.37 -8.57 -4.42
N ASP B 16 7.44 -9.84 -4.03
CA ASP B 16 6.25 -10.68 -3.85
C ASP B 16 5.88 -10.84 -2.37
N LEU B 17 6.39 -9.93 -1.51
CA LEU B 17 6.21 -10.09 -0.07
C LEU B 17 4.82 -9.72 0.46
N GLY B 18 4.01 -9.05 -0.36
CA GLY B 18 2.69 -8.61 0.07
C GLY B 18 2.74 -7.40 0.99
N THR B 19 1.57 -6.90 1.34
CA THR B 19 1.47 -5.75 2.25
C THR B 19 0.69 -6.10 3.51
N THR B 20 0.68 -7.37 3.88
CA THR B 20 -0.15 -7.81 5.00
C THR B 20 0.60 -8.09 6.29
N ASP B 21 1.93 -8.14 6.25
CA ASP B 21 2.71 -8.24 7.47
C ASP B 21 3.91 -7.29 7.46
N ASP B 22 4.88 -7.55 8.34
CA ASP B 22 6.03 -6.66 8.48
C ASP B 22 7.21 -6.95 7.56
N SER B 23 7.04 -7.86 6.60
CA SER B 23 8.18 -8.26 5.74
C SER B 23 8.76 -7.08 4.97
N VAL B 24 7.93 -6.33 4.25
CA VAL B 24 8.43 -5.16 3.53
C VAL B 24 9.06 -4.14 4.47
N ALA B 25 8.42 -3.89 5.62
CA ALA B 25 8.99 -2.93 6.59
C ALA B 25 10.37 -3.34 7.12
N GLN B 26 10.61 -4.63 7.35
CA GLN B 26 11.93 -5.09 7.74
C GLN B 26 12.99 -4.74 6.72
N CYS B 27 12.67 -4.95 5.44
CA CYS B 27 13.56 -4.57 4.35
C CYS B 27 13.79 -3.06 4.32
N LYS B 28 12.73 -2.27 4.44
CA LYS B 28 12.87 -0.81 4.46
C LYS B 28 13.71 -0.33 5.64
N GLY B 29 13.48 -0.91 6.81
CA GLY B 29 14.26 -0.49 7.98
C GLY B 29 15.75 -0.68 7.71
N LEU B 30 16.08 -1.81 7.09
CA LEU B 30 17.48 -2.09 6.79
C LEU B 30 18.03 -1.13 5.73
N MET B 31 17.21 -0.76 4.76
CA MET B 31 17.58 0.24 3.74
C MET B 31 17.92 1.59 4.36
N TYR B 32 17.09 2.08 5.28
CA TYR B 32 17.42 3.32 6.02
C TYR B 32 18.61 3.19 6.96
N SER B 33 18.80 2.00 7.50
CA SER B 33 19.97 1.73 8.37
C SER B 33 21.26 1.87 7.57
N ILE B 34 21.27 1.32 6.35
CA ILE B 34 22.50 1.25 5.56
C ILE B 34 22.76 2.53 4.75
N CYS B 35 21.67 3.15 4.29
CA CYS B 35 21.76 4.36 3.44
C CYS B 35 20.84 5.40 4.06
N PRO B 36 21.34 6.10 5.10
CA PRO B 36 20.43 6.97 5.86
C PRO B 36 19.64 7.98 5.02
N ASP B 37 20.24 8.52 3.97
CA ASP B 37 19.59 9.57 3.15
C ASP B 37 18.70 9.05 2.01
N VAL B 38 18.48 7.74 1.98
CA VAL B 38 17.71 7.07 0.89
C VAL B 38 16.25 7.45 0.91
N THR B 39 15.64 7.44 -0.29
CA THR B 39 14.20 7.47 -0.46
C THR B 39 13.80 6.09 -1.00
N VAL B 40 12.90 5.39 -0.29
CA VAL B 40 12.41 4.12 -0.82
C VAL B 40 11.06 4.33 -1.46
N VAL B 41 10.97 3.98 -2.74
CA VAL B 41 9.73 4.07 -3.50
C VAL B 41 9.22 2.66 -3.78
N ASP B 42 8.00 2.36 -3.34
CA ASP B 42 7.37 1.09 -3.64
C ASP B 42 6.94 1.02 -5.09
N VAL B 43 7.28 -0.08 -5.77
CA VAL B 43 6.74 -0.33 -7.08
C VAL B 43 5.42 -1.05 -6.80
N CYS B 44 5.51 -2.32 -6.38
CA CYS B 44 4.35 -3.05 -5.91
C CYS B 44 4.86 -4.31 -5.23
N HIS B 45 4.01 -4.86 -4.37
CA HIS B 45 4.39 -6.00 -3.54
C HIS B 45 3.39 -7.17 -3.70
N SER B 46 2.48 -7.00 -4.65
CA SER B 46 1.31 -7.87 -4.81
C SER B 46 1.40 -8.90 -5.95
N MET B 47 2.53 -8.96 -6.66
CA MET B 47 2.67 -9.93 -7.76
C MET B 47 2.32 -11.35 -7.30
N THR B 48 1.81 -12.17 -8.21
CA THR B 48 1.65 -13.60 -7.93
C THR B 48 3.02 -14.16 -7.52
N PRO B 49 3.09 -14.73 -6.30
CA PRO B 49 4.36 -15.26 -5.85
C PRO B 49 4.97 -16.22 -6.87
N TRP B 50 6.26 -16.06 -7.14
CA TRP B 50 7.08 -17.01 -7.90
C TRP B 50 6.84 -16.93 -9.41
N ASP B 51 6.00 -15.99 -9.83
CA ASP B 51 5.66 -15.79 -11.24
C ASP B 51 6.64 -14.77 -11.78
N VAL B 52 7.79 -15.27 -12.25
CA VAL B 52 8.88 -14.38 -12.63
C VAL B 52 8.50 -13.55 -13.86
N GLU B 53 7.67 -14.10 -14.76
CA GLU B 53 7.24 -13.35 -15.96
C GLU B 53 6.39 -12.11 -15.60
N GLU B 54 5.54 -12.27 -14.59
CA GLU B 54 4.70 -11.16 -14.11
C GLU B 54 5.56 -10.08 -13.41
N GLY B 55 6.41 -10.50 -12.48
CA GLY B 55 7.38 -9.60 -11.85
C GLY B 55 8.18 -8.81 -12.87
N ALA B 56 8.63 -9.49 -13.94
CA ALA B 56 9.33 -8.81 -15.03
C ALA B 56 8.56 -7.64 -15.62
N ARG B 57 7.25 -7.83 -15.83
CA ARG B 57 6.38 -6.80 -16.42
C ARG B 57 6.31 -5.53 -15.57
N TYR B 58 6.39 -5.68 -14.26
CA TYR B 58 6.31 -4.52 -13.35
C TYR B 58 7.61 -3.72 -13.23
N ILE B 59 8.70 -4.24 -13.78
CA ILE B 59 10.02 -3.60 -13.56
C ILE B 59 10.73 -3.17 -14.84
N VAL B 60 10.34 -3.75 -15.97
CA VAL B 60 11.03 -3.55 -17.25
C VAL B 60 11.01 -2.07 -17.72
N ASP B 61 9.92 -1.35 -17.45
CA ASP B 61 9.77 0.02 -17.97
C ASP B 61 10.12 1.14 -16.97
N LEU B 62 10.61 0.78 -15.80
CA LEU B 62 10.88 1.75 -14.73
C LEU B 62 11.96 2.82 -15.00
N PRO B 63 13.12 2.46 -15.62
CA PRO B 63 14.26 3.38 -15.61
C PRO B 63 13.96 4.79 -16.11
N ARG B 64 13.21 4.93 -17.19
CA ARG B 64 13.02 6.26 -17.79
C ARG B 64 12.22 7.21 -16.88
N PHE B 65 11.47 6.62 -15.95
CA PHE B 65 10.66 7.41 -15.00
C PHE B 65 11.45 7.92 -13.78
N PHE B 66 12.61 7.32 -13.51
CA PHE B 66 13.37 7.63 -12.28
C PHE B 66 14.63 8.44 -12.54
N PRO B 67 15.08 9.26 -11.56
CA PRO B 67 16.35 9.96 -11.70
C PRO B 67 17.50 9.00 -11.89
N GLU B 68 18.47 9.40 -12.70
CA GLU B 68 19.70 8.63 -12.86
C GLU B 68 20.33 8.31 -11.52
N GLY B 69 20.84 7.09 -11.41
CA GLY B 69 21.48 6.61 -10.18
C GLY B 69 20.54 5.77 -9.32
N THR B 70 19.27 5.71 -9.71
CA THR B 70 18.27 4.91 -8.98
C THR B 70 18.66 3.43 -9.00
N VAL B 71 18.45 2.74 -7.88
CA VAL B 71 18.67 1.31 -7.76
C VAL B 71 17.32 0.59 -7.70
N PHE B 72 17.15 -0.40 -8.55
CA PHE B 72 15.94 -1.19 -8.56
C PHE B 72 16.15 -2.49 -7.81
N ALA B 73 15.50 -2.62 -6.65
CA ALA B 73 15.53 -3.87 -5.85
C ALA B 73 14.28 -4.67 -6.18
N THR B 74 14.44 -5.75 -6.95
CA THR B 74 13.30 -6.45 -7.54
C THR B 74 13.41 -7.94 -7.23
N THR B 75 12.38 -8.51 -6.58
CA THR B 75 12.56 -9.87 -6.02
C THR B 75 11.30 -10.73 -5.85
N THR B 76 11.31 -11.90 -6.49
CA THR B 76 10.57 -13.07 -6.04
C THR B 76 11.63 -14.17 -5.90
N TYR B 77 11.71 -14.81 -4.75
CA TYR B 77 12.86 -15.62 -4.45
C TYR B 77 12.47 -17.04 -4.00
N PRO B 78 11.80 -17.82 -4.88
CA PRO B 78 11.48 -19.20 -4.47
C PRO B 78 12.70 -20.06 -4.15
N ALA B 79 13.88 -19.69 -4.62
CA ALA B 79 15.12 -20.47 -4.29
C ALA B 79 15.81 -19.96 -3.02
N THR B 80 15.06 -19.22 -2.20
CA THR B 80 15.58 -18.69 -0.94
C THR B 80 16.21 -19.81 -0.09
N GLY B 81 17.36 -19.52 0.50
CA GLY B 81 17.99 -20.47 1.42
C GLY B 81 18.86 -21.51 0.76
N THR B 82 18.94 -21.49 -0.57
CA THR B 82 19.85 -22.38 -1.29
C THR B 82 21.19 -21.69 -1.57
N THR B 83 22.08 -22.38 -2.28
CA THR B 83 23.40 -21.82 -2.55
C THR B 83 23.40 -20.75 -3.65
N THR B 84 22.25 -20.52 -4.27
CA THR B 84 22.11 -19.44 -5.26
C THR B 84 22.43 -18.06 -4.68
N ARG B 85 22.93 -17.17 -5.53
CA ARG B 85 23.22 -15.81 -5.13
C ARG B 85 22.60 -14.86 -6.16
N SER B 86 22.23 -13.68 -5.69
CA SER B 86 21.65 -12.68 -6.55
C SER B 86 22.61 -12.18 -7.62
N VAL B 87 22.06 -11.48 -8.61
CA VAL B 87 22.85 -10.80 -9.62
C VAL B 87 22.56 -9.31 -9.50
N ALA B 88 23.62 -8.50 -9.62
CA ALA B 88 23.45 -7.04 -9.72
C ALA B 88 24.01 -6.57 -11.07
N VAL B 89 23.21 -5.82 -11.82
CA VAL B 89 23.57 -5.43 -13.19
C VAL B 89 23.44 -3.92 -13.37
N ARG B 90 24.35 -3.32 -14.14
CA ARG B 90 24.20 -1.94 -14.58
C ARG B 90 23.63 -1.99 -15.99
N ILE B 91 22.47 -1.39 -16.21
CA ILE B 91 21.85 -1.43 -17.54
C ILE B 91 22.49 -0.41 -18.48
N LYS B 92 22.24 -0.57 -19.78
CA LYS B 92 22.86 0.34 -20.76
C LYS B 92 21.89 1.48 -21.07
N GLN B 93 20.87 1.20 -21.88
CA GLN B 93 19.92 2.19 -22.36
C GLN B 93 18.75 2.28 -21.42
N ALA B 94 18.35 3.49 -21.02
CA ALA B 94 17.16 3.61 -20.18
C ALA B 94 15.88 3.38 -20.99
N ALA B 95 15.93 3.57 -22.30
CA ALA B 95 14.73 3.42 -23.11
C ALA B 95 14.44 1.96 -23.59
N LYS B 96 13.25 1.81 -24.19
CA LYS B 96 12.94 0.73 -25.12
C LYS B 96 13.31 1.25 -26.52
N GLY B 97 13.31 2.57 -26.66
CA GLY B 97 13.74 3.25 -27.89
C GLY B 97 15.14 3.86 -27.74
N GLY B 98 15.29 5.08 -28.24
CA GLY B 98 16.59 5.75 -28.30
C GLY B 98 16.63 6.79 -29.39
N ALA B 99 16.42 6.35 -30.64
CA ALA B 99 16.17 7.26 -31.77
C ALA B 99 14.85 7.97 -31.51
N ARG B 100 14.92 9.29 -31.30
CA ARG B 100 13.89 10.05 -30.58
C ARG B 100 13.97 9.61 -29.11
N GLY B 101 13.11 8.67 -28.73
CA GLY B 101 13.20 8.02 -27.42
C GLY B 101 11.85 7.72 -26.78
N GLN B 102 10.90 8.64 -26.98
CA GLN B 102 9.68 8.71 -26.16
C GLN B 102 10.08 8.77 -24.68
N TRP B 103 10.93 9.75 -24.36
CA TRP B 103 11.30 10.06 -22.99
C TRP B 103 10.07 10.49 -22.19
N ALA B 104 10.09 10.22 -20.90
CA ALA B 104 8.92 10.53 -20.07
C ALA B 104 9.09 11.89 -19.39
N GLY B 105 7.97 12.54 -19.07
CA GLY B 105 8.01 13.84 -18.40
C GLY B 105 7.35 14.94 -19.22
N SER B 106 7.32 16.14 -18.66
CA SER B 106 6.81 17.33 -19.36
C SER B 106 7.77 17.76 -20.49
N GLY B 107 7.28 18.65 -21.36
CA GLY B 107 8.03 19.06 -22.56
C GLY B 107 8.30 17.84 -23.43
N ALA B 108 9.54 17.72 -23.90
CA ALA B 108 10.00 16.58 -24.71
C ALA B 108 10.46 15.40 -23.83
N GLY B 109 10.24 15.52 -22.53
CA GLY B 109 10.63 14.47 -21.58
C GLY B 109 12.05 14.61 -21.09
N PHE B 110 12.41 13.75 -20.13
CA PHE B 110 13.74 13.75 -19.53
C PHE B 110 14.57 12.68 -20.20
N GLU B 111 15.57 13.09 -20.97
CA GLU B 111 16.54 12.12 -21.47
C GLU B 111 17.43 11.61 -20.33
N ARG B 112 17.64 10.29 -20.31
CA ARG B 112 18.44 9.67 -19.26
C ARG B 112 19.75 9.17 -19.87
N ALA B 113 20.89 9.46 -19.23
CA ALA B 113 22.19 8.99 -19.69
C ALA B 113 22.23 7.46 -19.70
N GLU B 114 23.09 6.90 -20.53
CA GLU B 114 23.33 5.45 -20.52
C GLU B 114 24.11 5.03 -19.28
N GLY B 115 23.97 3.77 -18.89
CA GLY B 115 24.66 3.20 -17.73
C GLY B 115 24.30 3.78 -16.38
N SER B 116 23.07 4.27 -16.26
CA SER B 116 22.69 5.09 -15.11
C SER B 116 21.76 4.44 -14.10
N TYR B 117 21.53 3.12 -14.23
CA TYR B 117 20.60 2.39 -13.36
C TYR B 117 21.14 1.01 -13.05
N ILE B 118 20.91 0.57 -11.81
CA ILE B 118 21.32 -0.76 -11.37
C ILE B 118 20.08 -1.54 -10.96
N TYR B 119 20.03 -2.80 -11.38
CA TYR B 119 19.02 -3.73 -10.89
C TYR B 119 19.74 -4.76 -10.04
N ILE B 120 19.13 -5.14 -8.93
CA ILE B 120 19.61 -6.28 -8.17
C ILE B 120 18.41 -7.20 -7.92
N ALA B 121 18.62 -8.48 -8.20
CA ALA B 121 17.55 -9.45 -8.25
C ALA B 121 18.06 -10.84 -7.99
N PRO B 122 17.18 -11.77 -7.57
CA PRO B 122 17.59 -13.17 -7.63
C PRO B 122 18.02 -13.50 -9.07
N ASN B 123 19.01 -14.38 -9.25
CA ASN B 123 19.39 -14.84 -10.58
C ASN B 123 18.46 -15.99 -11.01
N ASN B 124 17.19 -15.66 -11.24
CA ASN B 124 16.17 -16.63 -11.60
C ASN B 124 15.37 -16.26 -12.87
N GLY B 125 15.90 -15.33 -13.66
CA GLY B 125 15.21 -14.92 -14.89
C GLY B 125 14.32 -13.69 -14.71
N LEU B 126 14.20 -13.19 -13.48
CA LEU B 126 13.33 -12.02 -13.24
C LEU B 126 13.72 -10.83 -14.11
N LEU B 127 15.03 -10.70 -14.41
CA LEU B 127 15.55 -9.58 -15.19
C LEU B 127 15.61 -9.85 -16.70
N THR B 128 14.96 -10.92 -17.15
CA THR B 128 15.07 -11.33 -18.56
C THR B 128 14.73 -10.17 -19.52
N THR B 129 13.59 -9.52 -19.29
CA THR B 129 13.12 -8.45 -20.20
C THR B 129 13.84 -7.14 -20.00
N VAL B 130 14.27 -6.87 -18.76
CA VAL B 130 15.11 -5.71 -18.45
C VAL B 130 16.38 -5.78 -19.32
N LEU B 131 17.03 -6.95 -19.32
CA LEU B 131 18.27 -7.14 -20.10
C LEU B 131 18.06 -7.07 -21.61
N GLU B 132 16.95 -7.63 -22.06
CA GLU B 132 16.58 -7.65 -23.47
C GLU B 132 16.27 -6.24 -24.00
N GLU B 133 15.46 -5.48 -23.25
CA GLU B 133 15.05 -4.16 -23.70
C GLU B 133 16.12 -3.08 -23.50
N HIS B 134 16.89 -3.17 -22.41
CA HIS B 134 17.86 -2.11 -22.08
C HIS B 134 19.30 -2.44 -22.38
N GLY B 135 19.63 -3.72 -22.46
CA GLY B 135 21.04 -4.15 -22.54
C GLY B 135 21.69 -3.94 -21.19
N TYR B 136 22.94 -4.36 -21.06
CA TYR B 136 23.67 -4.16 -19.79
C TYR B 136 25.15 -3.97 -20.04
N LEU B 137 25.83 -3.29 -19.12
CA LEU B 137 27.24 -2.98 -19.30
C LEU B 137 28.11 -3.87 -18.44
N GLU B 138 27.59 -4.27 -17.29
CA GLU B 138 28.31 -5.15 -16.39
C GLU B 138 27.34 -5.90 -15.51
N ALA B 139 27.74 -7.08 -15.04
CA ALA B 139 26.90 -7.91 -14.16
C ALA B 139 27.79 -8.68 -13.19
N TYR B 140 27.36 -8.73 -11.93
CA TYR B 140 28.12 -9.39 -10.87
C TYR B 140 27.27 -10.29 -10.00
N GLU B 141 27.88 -11.38 -9.54
CA GLU B 141 27.28 -12.22 -8.51
C GLU B 141 27.39 -11.51 -7.16
N VAL B 142 26.33 -11.54 -6.38
CA VAL B 142 26.28 -10.82 -5.10
C VAL B 142 26.68 -11.76 -3.96
N THR B 143 27.95 -11.68 -3.56
CA THR B 143 28.53 -12.65 -2.62
C THR B 143 29.27 -12.05 -1.44
N SER B 144 29.68 -10.79 -1.54
CA SER B 144 30.54 -10.20 -0.53
C SER B 144 29.80 -9.97 0.78
N PRO B 145 30.40 -10.41 1.91
CA PRO B 145 29.87 -10.17 3.26
C PRO B 145 29.84 -8.67 3.63
N LYS B 146 30.44 -7.81 2.79
CA LYS B 146 30.27 -6.37 2.95
C LYS B 146 28.83 -5.93 2.61
N VAL B 147 28.13 -6.73 1.79
CA VAL B 147 26.79 -6.33 1.31
C VAL B 147 25.66 -7.31 1.54
N ILE B 148 25.99 -8.54 1.95
CA ILE B 148 24.98 -9.52 2.39
C ILE B 148 25.35 -10.06 3.80
N PRO B 149 24.36 -10.61 4.53
CA PRO B 149 24.67 -11.19 5.85
C PRO B 149 25.62 -12.37 5.72
N GLU B 150 26.49 -12.54 6.72
CA GLU B 150 27.32 -13.75 6.89
C GLU B 150 26.46 -14.97 7.22
N GLN B 151 25.35 -14.73 7.92
CA GLN B 151 24.41 -15.79 8.26
C GLN B 151 23.00 -15.41 7.79
N PRO B 152 22.74 -15.52 6.48
CA PRO B 152 21.43 -15.11 5.96
C PRO B 152 20.30 -16.02 6.42
N GLU B 153 19.17 -15.39 6.77
CA GLU B 153 17.95 -16.11 7.12
C GLU B 153 17.52 -16.96 5.93
N PRO B 154 17.49 -18.31 6.08
CA PRO B 154 17.21 -19.22 4.95
C PRO B 154 15.94 -18.89 4.16
N THR B 155 14.87 -18.53 4.87
CA THR B 155 13.58 -18.28 4.23
C THR B 155 13.32 -16.80 3.90
N PHE B 156 14.35 -15.96 3.94
CA PHE B 156 14.12 -14.54 3.64
C PHE B 156 15.20 -13.89 2.74
N TYR B 157 15.56 -14.55 1.63
CA TYR B 157 16.60 -14.01 0.76
C TYR B 157 16.16 -12.71 0.04
N SER B 158 14.85 -12.45 -0.05
CA SER B 158 14.40 -11.16 -0.62
C SER B 158 14.95 -10.00 0.24
N ARG B 159 15.05 -10.22 1.55
CA ARG B 159 15.66 -9.26 2.49
C ARG B 159 17.17 -9.34 2.44
N GLU B 160 17.71 -10.55 2.63
CA GLU B 160 19.15 -10.77 2.82
C GLU B 160 19.98 -10.51 1.58
N MET B 161 19.44 -10.94 0.43
CA MET B 161 20.19 -11.01 -0.84
C MET B 161 19.71 -10.00 -1.86
N VAL B 162 18.74 -9.17 -1.49
CA VAL B 162 18.26 -8.12 -2.38
C VAL B 162 18.13 -6.79 -1.64
N ALA B 163 17.26 -6.71 -0.63
CA ALA B 163 17.05 -5.43 0.08
C ALA B 163 18.36 -4.89 0.68
N ILE B 164 19.06 -5.73 1.43
CA ILE B 164 20.32 -5.30 2.07
C ILE B 164 21.39 -4.83 1.07
N PRO B 165 21.79 -5.70 0.11
CA PRO B 165 22.77 -5.17 -0.86
C PRO B 165 22.29 -4.00 -1.71
N SER B 166 20.99 -3.87 -1.97
CA SER B 166 20.47 -2.73 -2.74
C SER B 166 20.78 -1.41 -2.03
N ALA B 167 20.69 -1.45 -0.70
CA ALA B 167 20.99 -0.26 0.13
C ALA B 167 22.47 0.09 0.11
N HIS B 168 23.35 -0.92 0.18
CA HIS B 168 24.78 -0.63 0.00
C HIS B 168 25.06 -0.01 -1.36
N LEU B 169 24.42 -0.52 -2.41
CA LEU B 169 24.62 0.04 -3.76
C LEU B 169 24.09 1.48 -3.83
N ALA B 170 22.93 1.72 -3.23
CA ALA B 170 22.38 3.07 -3.13
C ALA B 170 23.32 4.02 -2.38
N ALA B 171 24.00 3.53 -1.35
CA ALA B 171 24.93 4.30 -0.52
C ALA B 171 26.27 4.53 -1.22
N GLY B 172 26.44 3.96 -2.41
CA GLY B 172 27.65 4.16 -3.20
C GLY B 172 28.70 3.06 -3.14
N PHE B 173 28.36 1.91 -2.56
CA PHE B 173 29.24 0.74 -2.58
C PHE B 173 29.54 0.39 -4.03
N PRO B 174 30.84 0.26 -4.41
CA PRO B 174 31.15 -0.01 -5.82
C PRO B 174 30.48 -1.29 -6.33
N LEU B 175 29.80 -1.19 -7.47
CA LEU B 175 29.07 -2.35 -8.02
C LEU B 175 29.98 -3.56 -8.23
N SER B 176 31.18 -3.31 -8.74
CA SER B 176 32.08 -4.41 -9.10
C SER B 176 32.70 -5.10 -7.89
N GLU B 177 32.46 -4.56 -6.70
CA GLU B 177 32.99 -5.15 -5.48
C GLU B 177 31.99 -6.10 -4.81
N VAL B 178 30.78 -6.23 -5.38
CA VAL B 178 29.76 -7.11 -4.75
C VAL B 178 30.11 -8.60 -4.91
N GLY B 179 30.98 -8.90 -5.88
CA GLY B 179 31.36 -10.28 -6.17
C GLY B 179 31.88 -10.40 -7.58
N ARG B 180 32.08 -11.63 -8.04
CA ARG B 180 32.73 -11.88 -9.33
CA ARG B 180 32.72 -11.92 -9.33
C ARG B 180 31.87 -11.48 -10.52
N PRO B 181 32.51 -11.09 -11.66
CA PRO B 181 31.69 -10.84 -12.84
C PRO B 181 30.98 -12.11 -13.29
N LEU B 182 29.74 -11.95 -13.77
CA LEU B 182 29.04 -13.07 -14.37
C LEU B 182 29.10 -12.98 -15.90
N GLU B 183 29.40 -14.10 -16.54
CA GLU B 183 29.34 -14.21 -17.99
C GLU B 183 27.87 -14.26 -18.41
N ASP B 184 27.58 -13.78 -19.62
CA ASP B 184 26.20 -13.67 -20.08
C ASP B 184 25.40 -14.95 -19.85
N HIS B 185 26.02 -16.09 -20.14
CA HIS B 185 25.32 -17.39 -20.08
C HIS B 185 24.98 -17.82 -18.65
N GLU B 186 25.64 -17.21 -17.67
CA GLU B 186 25.36 -17.49 -16.26
C GLU B 186 24.16 -16.66 -15.72
N ILE B 187 23.64 -15.76 -16.53
CA ILE B 187 22.43 -15.01 -16.15
C ILE B 187 21.20 -15.76 -16.64
N VAL B 188 20.47 -16.35 -15.71
CA VAL B 188 19.29 -17.15 -16.04
C VAL B 188 18.26 -16.29 -16.77
N ARG B 189 17.73 -16.82 -17.87
CA ARG B 189 16.65 -16.18 -18.62
C ARG B 189 15.43 -17.09 -18.75
N PHE B 190 14.24 -16.50 -18.76
CA PHE B 190 13.06 -17.24 -19.18
C PHE B 190 12.80 -17.04 -20.68
N ASN B 191 12.09 -17.99 -21.28
CA ASN B 191 11.68 -17.89 -22.67
C ASN B 191 10.46 -17.00 -22.81
N ARG B 192 10.49 -16.09 -23.76
CA ARG B 192 9.32 -15.30 -24.07
C ARG B 192 8.67 -15.90 -25.30
N PRO B 193 7.48 -16.46 -25.15
CA PRO B 193 6.78 -16.99 -26.32
C PRO B 193 6.61 -15.88 -27.35
N ALA B 194 6.98 -16.17 -28.59
CA ALA B 194 6.92 -15.18 -29.67
C ALA B 194 5.49 -14.99 -30.17
N VAL B 195 5.20 -13.78 -30.64
CA VAL B 195 3.96 -13.50 -31.36
C VAL B 195 4.10 -14.12 -32.75
N GLU B 196 3.21 -15.04 -33.07
CA GLU B 196 3.29 -15.83 -34.31
C GLU B 196 2.43 -15.25 -35.45
N GLN B 197 2.58 -15.82 -36.64
CA GLN B 197 1.90 -15.30 -37.83
C GLN B 197 1.30 -16.41 -38.68
N ASP B 198 0.08 -16.19 -39.15
CA ASP B 198 -0.61 -17.08 -40.09
C ASP B 198 -1.75 -16.31 -40.77
N GLY B 199 -1.43 -15.81 -41.95
CA GLY B 199 -2.03 -14.59 -42.48
C GLY B 199 -0.86 -13.61 -42.56
N GLU B 200 -1.09 -12.30 -42.60
CA GLU B 200 -2.35 -11.60 -42.28
C GLU B 200 -2.61 -11.46 -40.77
N ALA B 201 -2.95 -12.55 -40.09
CA ALA B 201 -3.32 -12.50 -38.67
C ALA B 201 -2.15 -12.59 -37.70
N LEU B 202 -2.46 -12.40 -36.41
CA LEU B 202 -1.44 -12.45 -35.36
C LEU B 202 -2.01 -13.14 -34.12
N VAL B 203 -1.25 -14.12 -33.62
CA VAL B 203 -1.75 -15.04 -32.60
C VAL B 203 -0.86 -14.90 -31.37
N GLY B 204 -1.44 -14.40 -30.29
CA GLY B 204 -0.71 -14.26 -29.06
C GLY B 204 -1.58 -14.71 -27.91
N VAL B 205 -1.37 -14.05 -26.76
CA VAL B 205 -2.08 -14.37 -25.54
C VAL B 205 -2.48 -13.09 -24.82
N VAL B 206 -3.43 -13.21 -23.91
CA VAL B 206 -3.65 -12.19 -22.92
C VAL B 206 -2.47 -12.28 -21.94
N SER B 207 -1.68 -11.22 -21.90
CA SER B 207 -0.50 -11.15 -21.03
C SER B 207 -0.88 -10.77 -19.61
N ALA B 208 -1.94 -9.96 -19.46
CA ALA B 208 -2.40 -9.51 -18.14
C ALA B 208 -3.83 -8.97 -18.20
N ILE B 209 -4.56 -9.14 -17.10
CA ILE B 209 -5.77 -8.36 -16.88
C ILE B 209 -5.30 -7.12 -16.11
N ASP B 210 -5.61 -5.94 -16.65
CA ASP B 210 -5.15 -4.68 -16.12
C ASP B 210 -6.03 -4.24 -14.95
N HIS B 211 -5.66 -4.68 -13.75
CA HIS B 211 -6.41 -4.29 -12.55
C HIS B 211 -6.07 -2.84 -12.24
N PRO B 212 -7.02 -2.07 -11.66
CA PRO B 212 -8.36 -2.40 -11.21
C PRO B 212 -9.46 -2.20 -12.26
N PHE B 213 -9.09 -1.95 -13.52
CA PHE B 213 -10.06 -1.57 -14.54
C PHE B 213 -10.71 -2.75 -15.26
N GLY B 214 -10.02 -3.87 -15.28
CA GLY B 214 -10.49 -5.02 -16.06
C GLY B 214 -10.26 -4.86 -17.55
N ASN B 215 -9.30 -4.01 -17.93
CA ASN B 215 -8.87 -3.98 -19.33
C ASN B 215 -8.05 -5.24 -19.63
N VAL B 216 -8.01 -5.62 -20.90
CA VAL B 216 -7.33 -6.84 -21.30
C VAL B 216 -6.11 -6.46 -22.11
N TRP B 217 -4.93 -6.86 -21.63
CA TRP B 217 -3.69 -6.55 -22.32
C TRP B 217 -3.18 -7.80 -23.04
N THR B 218 -2.73 -7.65 -24.28
CA THR B 218 -2.17 -8.78 -25.02
C THR B 218 -0.67 -8.58 -25.16
N ASN B 219 0.04 -9.63 -25.56
CA ASN B 219 1.48 -9.52 -25.84
C ASN B 219 1.75 -9.19 -27.32
N ILE B 220 0.73 -8.69 -28.01
CA ILE B 220 0.88 -8.28 -29.41
C ILE B 220 1.29 -6.80 -29.39
N HIS B 221 2.54 -6.50 -29.73
CA HIS B 221 3.11 -5.15 -29.56
C HIS B 221 2.85 -4.23 -30.76
N ARG B 222 2.90 -2.92 -30.54
CA ARG B 222 2.76 -1.97 -31.66
C ARG B 222 3.74 -2.30 -32.82
N THR B 223 4.96 -2.73 -32.49
CA THR B 223 5.93 -3.13 -33.53
C THR B 223 5.54 -4.39 -34.32
N ASP B 224 4.84 -5.31 -33.66
CA ASP B 224 4.19 -6.44 -34.35
C ASP B 224 3.08 -5.92 -35.26
N LEU B 225 2.27 -4.98 -34.77
CA LEU B 225 1.19 -4.39 -35.59
C LEU B 225 1.72 -3.64 -36.81
N GLU B 226 2.76 -2.84 -36.59
CA GLU B 226 3.43 -2.10 -37.67
C GLU B 226 3.89 -3.04 -38.80
N LYS B 227 4.33 -4.24 -38.39
CA LYS B 227 4.79 -5.31 -39.28
C LYS B 227 3.70 -5.78 -40.25
N ALA B 228 2.45 -5.55 -39.87
CA ALA B 228 1.29 -5.91 -40.66
C ALA B 228 0.64 -4.69 -41.31
N GLY B 229 1.25 -3.52 -41.11
CA GLY B 229 0.69 -2.27 -41.63
C GLY B 229 -0.57 -1.87 -40.91
N ILE B 230 -0.71 -2.37 -39.66
CA ILE B 230 -1.88 -2.09 -38.84
C ILE B 230 -1.62 -0.84 -38.02
N GLY B 231 -2.47 0.14 -38.28
CA GLY B 231 -2.39 1.39 -37.58
C GLY B 231 -3.73 1.87 -37.06
N TYR B 232 -3.70 3.02 -36.38
CA TYR B 232 -4.92 3.65 -35.85
C TYR B 232 -5.92 3.85 -37.00
N GLY B 233 -7.19 3.50 -36.79
CA GLY B 233 -8.21 3.58 -37.84
C GLY B 233 -8.58 2.25 -38.46
N ALA B 234 -7.65 1.28 -38.42
CA ALA B 234 -7.88 -0.06 -38.98
C ALA B 234 -9.00 -0.81 -38.24
N ARG B 235 -9.98 -1.32 -39.00
CA ARG B 235 -11.07 -2.12 -38.47
C ARG B 235 -10.49 -3.49 -38.16
N LEU B 236 -10.45 -3.83 -36.87
CA LEU B 236 -9.86 -5.08 -36.41
C LEU B 236 -10.92 -6.06 -35.91
N ARG B 237 -10.58 -7.34 -35.98
CA ARG B 237 -11.28 -8.40 -35.31
C ARG B 237 -10.28 -8.96 -34.29
N LEU B 238 -10.59 -8.85 -33.01
CA LEU B 238 -9.74 -9.39 -31.98
C LEU B 238 -10.52 -10.50 -31.24
N THR B 239 -10.08 -11.74 -31.45
CA THR B 239 -10.73 -12.94 -30.93
C THR B 239 -10.00 -13.37 -29.66
N LEU B 240 -10.71 -13.38 -28.54
CA LEU B 240 -10.14 -13.80 -27.27
C LEU B 240 -10.65 -15.20 -26.97
N ASP B 241 -9.75 -16.05 -26.50
CA ASP B 241 -10.19 -17.34 -26.01
C ASP B 241 -10.73 -18.19 -27.16
N GLY B 242 -10.39 -17.81 -28.39
CA GLY B 242 -10.72 -18.61 -29.56
C GLY B 242 -12.10 -18.39 -30.15
N VAL B 243 -13.03 -17.88 -29.33
CA VAL B 243 -14.44 -17.83 -29.72
C VAL B 243 -15.08 -16.43 -29.62
N LEU B 244 -14.30 -15.40 -29.27
CA LEU B 244 -14.85 -14.06 -29.06
C LEU B 244 -14.30 -13.02 -30.08
N PRO B 245 -14.86 -12.99 -31.29
CA PRO B 245 -14.40 -12.04 -32.34
C PRO B 245 -14.82 -10.59 -32.06
N PHE B 246 -14.09 -9.91 -31.19
CA PHE B 246 -14.39 -8.51 -30.92
C PHE B 246 -14.13 -7.69 -32.16
N GLU B 247 -15.02 -6.75 -32.44
CA GLU B 247 -14.75 -5.88 -33.57
C GLU B 247 -14.82 -4.39 -33.27
N ALA B 248 -13.72 -3.71 -33.57
CA ALA B 248 -13.62 -2.27 -33.41
C ALA B 248 -12.45 -1.71 -34.24
N PRO B 249 -12.49 -0.41 -34.55
CA PRO B 249 -11.26 0.15 -35.09
C PRO B 249 -10.21 0.32 -33.98
N LEU B 250 -8.94 0.26 -34.36
CA LEU B 250 -7.87 0.61 -33.42
C LEU B 250 -7.92 2.10 -33.19
N THR B 251 -8.08 2.50 -31.93
CA THR B 251 -8.17 3.91 -31.55
C THR B 251 -7.14 4.22 -30.44
N PRO B 252 -6.74 5.50 -30.31
CA PRO B 252 -5.79 5.88 -29.27
C PRO B 252 -6.25 5.69 -27.83
N THR B 253 -7.56 5.86 -27.57
CA THR B 253 -8.03 5.86 -26.20
C THR B 253 -9.43 5.24 -26.01
N PHE B 254 -9.85 5.12 -24.75
CA PHE B 254 -11.13 4.50 -24.42
C PHE B 254 -12.33 5.28 -24.94
N ALA B 255 -12.31 6.61 -24.75
CA ALA B 255 -13.49 7.43 -25.07
C ALA B 255 -13.81 7.44 -26.58
N ASP B 256 -12.84 7.05 -27.40
CA ASP B 256 -13.08 6.97 -28.85
C ASP B 256 -14.15 5.93 -29.20
N ALA B 257 -14.46 5.03 -28.27
CA ALA B 257 -15.51 4.05 -28.49
C ALA B 257 -16.91 4.67 -28.44
N GLY B 258 -17.00 5.91 -27.96
CA GLY B 258 -18.27 6.63 -27.88
C GLY B 258 -18.97 6.38 -26.56
N GLU B 259 -20.14 5.75 -26.62
CA GLU B 259 -20.95 5.54 -25.41
C GLU B 259 -20.17 4.76 -24.35
N ILE B 260 -20.41 5.09 -23.08
CA ILE B 260 -19.92 4.30 -21.96
C ILE B 260 -20.27 2.82 -22.14
N GLY B 261 -19.30 1.93 -21.92
CA GLY B 261 -19.49 0.48 -22.06
C GLY B 261 -19.18 -0.10 -23.45
N ASN B 262 -19.04 0.77 -24.45
CA ASN B 262 -18.67 0.30 -25.79
C ASN B 262 -17.24 -0.26 -25.85
N ILE B 263 -17.00 -1.17 -26.78
CA ILE B 263 -15.67 -1.78 -26.93
C ILE B 263 -14.68 -0.81 -27.55
N ALA B 264 -13.50 -0.70 -26.92
CA ALA B 264 -12.35 0.02 -27.50
C ALA B 264 -11.19 -0.97 -27.67
N ILE B 265 -10.61 -0.99 -28.86
CA ILE B 265 -9.38 -1.69 -29.12
C ILE B 265 -8.32 -0.59 -29.31
N TYR B 266 -7.23 -0.71 -28.54
CA TYR B 266 -6.29 0.39 -28.41
C TYR B 266 -4.88 -0.12 -28.16
N LEU B 267 -3.92 0.80 -28.16
CA LEU B 267 -2.55 0.53 -27.74
C LEU B 267 -2.34 1.07 -26.32
N ASN B 268 -1.98 0.20 -25.37
CA ASN B 268 -1.80 0.65 -23.99
C ASN B 268 -0.50 1.46 -23.82
N SER B 269 -0.27 2.00 -22.62
CA SER B 269 0.86 2.92 -22.39
C SER B 269 2.21 2.23 -22.44
N ARG B 270 2.18 0.90 -22.38
N ARG B 270 2.16 0.90 -22.42
CA ARG B 270 3.37 0.09 -22.62
CA ARG B 270 3.31 0.04 -22.63
C ARG B 270 3.56 -0.26 -24.11
C ARG B 270 3.58 -0.22 -24.11
N GLY B 271 2.63 0.18 -24.97
CA GLY B 271 2.70 -0.08 -26.46
C GLY B 271 2.10 -1.37 -27.01
N TYR B 272 1.27 -2.06 -26.22
CA TYR B 272 0.74 -3.36 -26.60
C TYR B 272 -0.73 -3.27 -26.97
N LEU B 273 -1.14 -4.07 -27.94
CA LEU B 273 -2.53 -4.18 -28.32
C LEU B 273 -3.37 -4.62 -27.12
N SER B 274 -4.42 -3.85 -26.85
CA SER B 274 -5.24 -4.07 -25.67
C SER B 274 -6.71 -3.90 -26.05
N ILE B 275 -7.61 -4.36 -25.18
CA ILE B 275 -9.06 -4.22 -25.43
C ILE B 275 -9.74 -3.93 -24.11
N ALA B 276 -10.77 -3.11 -24.17
CA ALA B 276 -11.47 -2.67 -22.97
C ALA B 276 -12.88 -2.26 -23.33
N ARG B 277 -13.68 -1.95 -22.30
CA ARG B 277 -14.87 -1.14 -22.51
C ARG B 277 -14.61 0.27 -22.04
N ASN B 278 -15.30 1.23 -22.65
CA ASN B 278 -15.16 2.64 -22.30
C ASN B 278 -15.81 2.92 -20.95
N ALA B 279 -14.98 3.17 -19.93
CA ALA B 279 -15.44 3.45 -18.56
C ALA B 279 -16.38 2.35 -18.04
N ALA B 280 -16.03 1.12 -18.37
CA ALA B 280 -16.65 -0.08 -17.79
C ALA B 280 -15.62 -1.20 -17.84
N SER B 281 -15.81 -2.20 -17.00
CA SER B 281 -14.86 -3.30 -16.97
C SER B 281 -15.18 -4.35 -18.02
N LEU B 282 -14.21 -4.69 -18.84
CA LEU B 282 -14.40 -5.79 -19.82
C LEU B 282 -14.17 -7.18 -19.21
N ALA B 283 -13.06 -7.33 -18.48
CA ALA B 283 -12.63 -8.68 -18.08
C ALA B 283 -13.46 -9.27 -16.94
N TYR B 284 -13.86 -8.42 -16.01
CA TYR B 284 -14.50 -8.93 -14.78
C TYR B 284 -15.85 -9.59 -15.00
N PRO B 285 -16.79 -8.92 -15.71
CA PRO B 285 -18.09 -9.55 -15.89
C PRO B 285 -18.04 -10.91 -16.57
N TYR B 286 -17.11 -11.10 -17.49
CA TYR B 286 -17.05 -12.33 -18.30
C TYR B 286 -15.92 -13.23 -17.85
N HIS B 287 -15.31 -12.88 -16.72
CA HIS B 287 -14.21 -13.66 -16.14
C HIS B 287 -13.13 -13.99 -17.16
N LEU B 288 -12.69 -12.98 -17.92
CA LEU B 288 -11.56 -13.18 -18.82
C LEU B 288 -10.28 -13.17 -17.99
N LYS B 289 -9.28 -13.89 -18.47
CA LYS B 289 -8.11 -14.21 -17.68
C LYS B 289 -6.82 -14.17 -18.49
N GLU B 290 -5.72 -13.88 -17.80
CA GLU B 290 -4.40 -14.03 -18.35
C GLU B 290 -4.20 -15.46 -18.90
N GLY B 291 -3.53 -15.56 -20.03
CA GLY B 291 -3.22 -16.87 -20.61
C GLY B 291 -4.22 -17.31 -21.67
N MET B 292 -5.38 -16.66 -21.72
CA MET B 292 -6.34 -16.94 -22.80
C MET B 292 -5.71 -16.52 -24.10
N SER B 293 -6.02 -17.24 -25.17
CA SER B 293 -5.47 -16.91 -26.48
C SER B 293 -6.02 -15.58 -26.97
N ALA B 294 -5.22 -14.89 -27.77
CA ALA B 294 -5.63 -13.63 -28.39
C ALA B 294 -5.19 -13.62 -29.84
N ARG B 295 -6.16 -13.49 -30.74
CA ARG B 295 -5.86 -13.37 -32.16
C ARG B 295 -6.41 -12.08 -32.73
N VAL B 296 -5.57 -11.40 -33.50
CA VAL B 296 -5.97 -10.15 -34.17
C VAL B 296 -5.81 -10.24 -35.69
N GLU B 297 -6.81 -9.75 -36.40
CA GLU B 297 -6.70 -9.55 -37.85
C GLU B 297 -7.47 -8.33 -38.33
N ALA B 298 -7.05 -7.81 -39.47
CA ALA B 298 -7.76 -6.71 -40.11
C ALA B 298 -8.72 -7.21 -41.19
N ARG C 8 17.34 12.83 11.04
CA ARG C 8 16.60 11.88 10.19
C ARG C 8 15.65 10.94 10.96
N PRO C 9 14.69 11.50 11.71
CA PRO C 9 13.80 10.68 12.51
C PRO C 9 12.88 9.83 11.66
N ILE C 10 12.59 8.62 12.15
CA ILE C 10 11.68 7.74 11.47
C ILE C 10 10.53 7.37 12.41
N ILE C 11 9.32 7.35 11.86
CA ILE C 11 8.18 6.72 12.52
C ILE C 11 7.78 5.52 11.69
N ALA C 12 7.76 4.36 12.32
CA ALA C 12 7.23 3.15 11.66
C ALA C 12 5.81 2.92 12.14
N PHE C 13 4.88 2.85 11.20
CA PHE C 13 3.46 3.02 11.46
C PHE C 13 2.70 1.73 11.13
N MET C 14 2.09 1.14 12.15
CA MET C 14 1.28 -0.09 12.00
C MET C 14 -0.11 0.21 12.55
N SER C 15 -1.16 0.03 11.74
CA SER C 15 -2.53 0.27 12.23
C SER C 15 -3.52 -0.75 11.70
N ASP C 16 -4.78 -0.64 12.12
CA ASP C 16 -5.85 -1.41 11.52
C ASP C 16 -6.75 -0.54 10.64
N LEU C 17 -6.24 0.60 10.17
CA LEU C 17 -7.06 1.58 9.44
C LEU C 17 -7.32 1.24 7.97
N GLY C 18 -6.58 0.27 7.46
CA GLY C 18 -6.72 -0.13 6.07
C GLY C 18 -6.06 0.85 5.11
N THR C 19 -6.12 0.53 3.82
CA THR C 19 -5.57 1.48 2.83
C THR C 19 -6.59 1.84 1.74
N THR C 20 -7.86 1.84 2.12
CA THR C 20 -8.94 2.13 1.18
C THR C 20 -9.53 3.54 1.27
N ASP C 21 -9.21 4.29 2.33
CA ASP C 21 -9.68 5.66 2.44
C ASP C 21 -8.53 6.57 2.90
N ASP C 22 -8.84 7.80 3.27
CA ASP C 22 -7.86 8.80 3.68
C ASP C 22 -7.42 8.71 5.14
N SER C 23 -7.84 7.66 5.88
CA SER C 23 -7.50 7.60 7.33
C SER C 23 -5.99 7.62 7.63
N VAL C 24 -5.25 6.75 6.95
CA VAL C 24 -3.78 6.69 7.12
C VAL C 24 -3.12 8.02 6.70
N ALA C 25 -3.56 8.59 5.57
CA ALA C 25 -3.04 9.90 5.10
C ALA C 25 -3.24 11.07 6.07
N GLN C 26 -4.42 11.13 6.70
CA GLN C 26 -4.66 12.12 7.76
C GLN C 26 -3.61 12.04 8.87
N CYS C 27 -3.32 10.82 9.30
CA CYS C 27 -2.27 10.55 10.30
C CYS C 27 -0.90 11.00 9.80
N LYS C 28 -0.55 10.63 8.56
CA LYS C 28 0.75 11.00 7.99
C LYS C 28 0.89 12.51 7.83
N GLY C 29 -0.17 13.18 7.38
CA GLY C 29 -0.11 14.64 7.23
C GLY C 29 0.25 15.30 8.55
N LEU C 30 -0.39 14.84 9.63
CA LEU C 30 -0.08 15.37 10.96
C LEU C 30 1.34 15.06 11.40
N MET C 31 1.83 13.86 11.09
CA MET C 31 3.22 13.50 11.38
C MET C 31 4.20 14.46 10.71
N TYR C 32 3.99 14.76 9.43
CA TYR C 32 4.86 15.72 8.71
C TYR C 32 4.67 17.16 9.19
N SER C 33 3.46 17.47 9.62
CA SER C 33 3.18 18.79 10.24
C SER C 33 4.02 18.98 11.52
N ILE C 34 4.06 17.96 12.37
CA ILE C 34 4.72 18.06 13.69
C ILE C 34 6.23 17.88 13.65
N CYS C 35 6.67 16.99 12.76
CA CYS C 35 8.06 16.63 12.67
C CYS C 35 8.46 16.77 11.19
N PRO C 36 8.79 18.00 10.73
CA PRO C 36 8.96 18.22 9.28
C PRO C 36 9.99 17.31 8.60
N ASP C 37 11.08 16.95 9.29
CA ASP C 37 12.13 16.12 8.68
C ASP C 37 11.92 14.60 8.80
N VAL C 38 10.74 14.20 9.28
CA VAL C 38 10.44 12.79 9.53
C VAL C 38 10.36 11.95 8.23
N THR C 39 10.70 10.68 8.35
CA THR C 39 10.32 9.70 7.32
C THR C 39 9.31 8.76 7.95
N VAL C 40 8.14 8.64 7.31
CA VAL C 40 7.14 7.71 7.81
C VAL C 40 7.22 6.42 6.97
N VAL C 41 7.45 5.29 7.64
CA VAL C 41 7.53 3.97 7.00
C VAL C 41 6.31 3.14 7.39
N ASP C 42 5.56 2.63 6.41
CA ASP C 42 4.38 1.81 6.70
C ASP C 42 4.87 0.41 7.09
N VAL C 43 4.36 -0.09 8.21
CA VAL C 43 4.58 -1.49 8.54
C VAL C 43 3.49 -2.26 7.76
N CYS C 44 2.25 -2.19 8.23
CA CYS C 44 1.08 -2.62 7.46
C CYS C 44 -0.14 -2.02 8.13
N HIS C 45 -1.25 -2.00 7.40
CA HIS C 45 -2.47 -1.34 7.85
C HIS C 45 -3.65 -2.28 7.65
N SER C 46 -3.33 -3.54 7.32
CA SER C 46 -4.32 -4.54 6.94
C SER C 46 -4.72 -5.53 8.04
N MET C 47 -4.16 -5.40 9.26
CA MET C 47 -4.49 -6.38 10.31
C MET C 47 -6.00 -6.50 10.51
N THR C 48 -6.45 -7.68 10.95
CA THR C 48 -7.85 -7.87 11.32
C THR C 48 -8.16 -6.85 12.41
N PRO C 49 -9.15 -5.97 12.19
CA PRO C 49 -9.49 -4.96 13.20
C PRO C 49 -9.69 -5.59 14.56
N TRP C 50 -9.05 -4.99 15.59
CA TRP C 50 -9.30 -5.32 17.00
C TRP C 50 -8.68 -6.61 17.45
N ASP C 51 -7.92 -7.27 16.56
CA ASP C 51 -7.20 -8.49 16.93
C ASP C 51 -5.85 -8.08 17.48
N VAL C 52 -5.77 -7.88 18.78
CA VAL C 52 -4.57 -7.33 19.38
C VAL C 52 -3.40 -8.32 19.25
N GLU C 53 -3.68 -9.62 19.31
CA GLU C 53 -2.61 -10.62 19.15
C GLU C 53 -1.97 -10.60 17.76
N GLU C 54 -2.77 -10.36 16.73
CA GLU C 54 -2.25 -10.28 15.37
C GLU C 54 -1.43 -9.02 15.18
N GLY C 55 -1.97 -7.88 15.59
CA GLY C 55 -1.19 -6.63 15.63
C GLY C 55 0.16 -6.78 16.30
N ALA C 56 0.20 -7.48 17.45
CA ALA C 56 1.43 -7.73 18.18
C ALA C 56 2.50 -8.45 17.35
N ARG C 57 2.09 -9.44 16.55
CA ARG C 57 3.03 -10.19 15.72
C ARG C 57 3.70 -9.32 14.65
N TYR C 58 3.03 -8.27 14.19
CA TYR C 58 3.58 -7.40 13.13
C TYR C 58 4.59 -6.37 13.62
N ILE C 59 4.73 -6.25 14.93
CA ILE C 59 5.54 -5.18 15.53
C ILE C 59 6.64 -5.68 16.47
N VAL C 60 6.51 -6.92 16.92
CA VAL C 60 7.40 -7.40 17.97
C VAL C 60 8.86 -7.48 17.52
N ASP C 61 9.13 -7.81 16.25
CA ASP C 61 10.52 -7.95 15.83
C ASP C 61 11.07 -6.81 14.99
N LEU C 62 10.39 -5.67 14.99
CA LEU C 62 10.83 -4.52 14.20
C LEU C 62 12.15 -3.82 14.64
N PRO C 63 12.40 -3.67 15.97
CA PRO C 63 13.51 -2.79 16.35
C PRO C 63 14.88 -3.10 15.73
N ARG C 64 15.24 -4.37 15.63
CA ARG C 64 16.59 -4.65 15.15
C ARG C 64 16.81 -4.23 13.68
N PHE C 65 15.73 -4.08 12.92
CA PHE C 65 15.83 -3.68 11.50
C PHE C 65 15.93 -2.19 11.27
N PHE C 66 15.58 -1.41 12.28
CA PHE C 66 15.48 0.04 12.14
C PHE C 66 16.64 0.80 12.76
N PRO C 67 16.97 1.98 12.20
CA PRO C 67 17.95 2.84 12.87
C PRO C 67 17.55 3.17 14.30
N GLU C 68 18.55 3.32 15.18
CA GLU C 68 18.32 3.74 16.56
C GLU C 68 17.56 5.06 16.60
N GLY C 69 16.65 5.17 17.57
CA GLY C 69 15.87 6.38 17.71
C GLY C 69 14.54 6.34 16.96
N THR C 70 14.28 5.26 16.22
CA THR C 70 12.99 5.07 15.54
C THR C 70 11.86 5.00 16.56
N VAL C 71 10.72 5.60 16.21
CA VAL C 71 9.50 5.50 17.00
C VAL C 71 8.50 4.59 16.30
N PHE C 72 7.99 3.61 17.04
CA PHE C 72 6.94 2.74 16.51
C PHE C 72 5.56 3.19 16.94
N ALA C 73 4.77 3.65 15.96
CA ALA C 73 3.38 4.04 16.19
C ALA C 73 2.50 2.86 15.80
N THR C 74 1.90 2.21 16.81
CA THR C 74 1.29 0.90 16.58
C THR C 74 -0.10 0.88 17.22
N THR C 75 -1.13 0.65 16.41
CA THR C 75 -2.47 0.88 16.93
C THR C 75 -3.62 0.12 16.29
N THR C 76 -4.36 -0.62 17.13
CA THR C 76 -5.76 -0.96 16.87
C THR C 76 -6.46 -0.45 18.13
N TYR C 77 -7.50 0.36 17.99
CA TYR C 77 -8.02 1.12 19.12
C TYR C 77 -9.54 0.94 19.30
N PRO C 78 -10.02 -0.30 19.58
CA PRO C 78 -11.46 -0.51 19.81
C PRO C 78 -12.07 0.29 20.99
N ALA C 79 -11.22 0.76 21.91
CA ALA C 79 -11.65 1.61 23.05
C ALA C 79 -11.53 3.10 22.76
N THR C 80 -11.39 3.46 21.47
CA THR C 80 -11.39 4.86 21.04
C THR C 80 -12.56 5.69 21.63
N GLY C 81 -12.27 6.89 22.11
CA GLY C 81 -13.32 7.82 22.60
C GLY C 81 -13.70 7.57 24.05
N THR C 82 -13.09 6.56 24.66
CA THR C 82 -13.26 6.32 26.12
C THR C 82 -12.17 7.05 26.93
N THR C 83 -12.23 6.95 28.27
CA THR C 83 -11.26 7.64 29.14
C THR C 83 -9.85 7.03 29.07
N THR C 84 -9.72 5.90 28.40
CA THR C 84 -8.42 5.27 28.20
C THR C 84 -7.43 6.23 27.55
N ARG C 85 -6.16 6.07 27.89
CA ARG C 85 -5.09 6.83 27.28
C ARG C 85 -3.97 5.89 26.86
N SER C 86 -3.24 6.28 25.83
CA SER C 86 -2.18 5.44 25.30
C SER C 86 -1.01 5.29 26.26
N VAL C 87 -0.17 4.29 26.00
CA VAL C 87 1.10 4.15 26.70
C VAL C 87 2.25 4.38 25.73
N ALA C 88 3.28 5.09 26.19
CA ALA C 88 4.52 5.22 25.42
C ALA C 88 5.67 4.64 26.25
N VAL C 89 6.41 3.72 25.66
CA VAL C 89 7.46 3.00 26.40
C VAL C 89 8.77 3.04 25.62
N ARG C 90 9.88 3.16 26.32
CA ARG C 90 11.20 2.97 25.72
C ARG C 90 11.67 1.55 26.05
N ILE C 91 11.93 0.75 25.02
CA ILE C 91 12.27 -0.66 25.21
C ILE C 91 13.73 -0.81 25.62
N LYS C 92 14.11 -1.95 26.18
CA LYS C 92 15.50 -2.14 26.58
C LYS C 92 16.32 -2.80 25.46
N GLN C 93 16.17 -4.10 25.25
CA GLN C 93 16.99 -4.85 24.29
C GLN C 93 16.31 -4.83 22.94
N ALA C 94 17.06 -4.52 21.89
CA ALA C 94 16.53 -4.53 20.52
C ALA C 94 16.40 -5.94 19.98
N ALA C 95 17.29 -6.82 20.40
CA ALA C 95 17.27 -8.18 19.92
C ALA C 95 16.41 -9.06 20.83
N LYS C 96 15.73 -10.04 20.22
CA LYS C 96 15.12 -11.17 20.95
C LYS C 96 16.25 -12.09 21.46
N GLY C 97 17.50 -11.64 21.28
CA GLY C 97 18.68 -12.29 21.85
C GLY C 97 19.31 -11.48 22.97
N GLY C 98 20.56 -11.83 23.29
CA GLY C 98 21.33 -11.15 24.33
C GLY C 98 22.78 -11.07 23.89
N ALA C 99 23.66 -11.73 24.62
CA ALA C 99 25.03 -12.00 24.14
C ALA C 99 24.95 -12.93 22.91
N ARG C 100 25.57 -12.50 21.81
CA ARG C 100 25.41 -13.08 20.44
C ARG C 100 24.33 -12.34 19.64
N GLY C 101 23.26 -11.95 20.31
CA GLY C 101 22.25 -11.01 19.77
C GLY C 101 21.41 -11.41 18.57
N GLN C 102 22.02 -11.97 17.53
CA GLN C 102 21.35 -12.27 16.25
C GLN C 102 20.86 -10.99 15.56
N TRP C 103 21.84 -10.24 15.08
CA TRP C 103 21.58 -8.92 14.56
C TRP C 103 21.32 -9.00 13.06
N ALA C 104 20.47 -8.09 12.60
CA ALA C 104 20.06 -8.02 11.20
C ALA C 104 21.07 -7.18 10.37
N GLY C 105 21.16 -7.44 9.07
CA GLY C 105 22.02 -6.66 8.20
C GLY C 105 23.16 -7.44 7.58
N SER C 106 23.98 -6.73 6.79
CA SER C 106 25.11 -7.33 6.09
C SER C 106 26.22 -7.67 7.11
N GLY C 107 27.18 -8.47 6.68
CA GLY C 107 28.25 -8.95 7.55
C GLY C 107 27.68 -9.68 8.76
N ALA C 108 28.15 -9.31 9.95
CA ALA C 108 27.64 -9.88 11.22
C ALA C 108 26.40 -9.14 11.74
N GLY C 109 25.84 -8.26 10.92
CA GLY C 109 24.63 -7.53 11.28
C GLY C 109 24.95 -6.23 12.01
N PHE C 110 23.90 -5.48 12.33
CA PHE C 110 24.09 -4.19 13.01
C PHE C 110 23.63 -4.25 14.46
N GLU C 111 24.59 -4.15 15.38
CA GLU C 111 24.21 -4.15 16.80
C GLU C 111 23.48 -2.86 17.11
N ARG C 112 22.41 -2.95 17.91
CA ARG C 112 21.69 -1.77 18.36
C ARG C 112 21.86 -1.57 19.85
N ALA C 113 22.21 -0.34 20.23
CA ALA C 113 22.30 0.04 21.62
C ALA C 113 20.98 -0.23 22.35
N GLU C 114 21.07 -0.51 23.65
CA GLU C 114 19.90 -0.65 24.51
C GLU C 114 19.17 0.68 24.67
N GLY C 115 17.87 0.62 24.97
CA GLY C 115 17.03 1.80 25.14
C GLY C 115 16.91 2.71 23.92
N SER C 116 16.95 2.15 22.72
CA SER C 116 17.08 2.95 21.50
C SER C 116 15.78 3.15 20.71
N TYR C 117 14.68 2.65 21.26
CA TYR C 117 13.41 2.61 20.52
C TYR C 117 12.25 2.88 21.44
N ILE C 118 11.26 3.61 20.91
CA ILE C 118 10.04 3.97 21.62
C ILE C 118 8.85 3.37 20.87
N TYR C 119 7.94 2.76 21.61
CA TYR C 119 6.65 2.35 21.07
C TYR C 119 5.58 3.21 21.70
N ILE C 120 4.59 3.60 20.91
CA ILE C 120 3.41 4.24 21.47
C ILE C 120 2.19 3.57 20.90
N ALA C 121 1.24 3.24 21.77
CA ALA C 121 0.17 2.31 21.43
C ALA C 121 -0.98 2.51 22.40
N PRO C 122 -2.19 2.06 22.03
CA PRO C 122 -3.25 2.01 23.03
C PRO C 122 -2.76 1.10 24.16
N ASN C 123 -3.18 1.37 25.39
CA ASN C 123 -2.89 0.48 26.51
C ASN C 123 -3.94 -0.64 26.56
N ASN C 124 -3.91 -1.52 25.56
CA ASN C 124 -4.91 -2.60 25.44
C ASN C 124 -4.25 -3.97 25.27
N GLY C 125 -2.96 -4.05 25.53
CA GLY C 125 -2.24 -5.32 25.39
C GLY C 125 -1.50 -5.47 24.07
N LEU C 126 -1.70 -4.54 23.14
CA LEU C 126 -0.97 -4.59 21.86
C LEU C 126 0.54 -4.78 22.02
N LEU C 127 1.11 -4.19 23.06
CA LEU C 127 2.55 -4.24 23.31
C LEU C 127 3.01 -5.44 24.14
N THR C 128 2.14 -6.41 24.35
CA THR C 128 2.43 -7.49 25.26
C THR C 128 3.73 -8.20 24.92
N THR C 129 3.86 -8.60 23.66
CA THR C 129 5.03 -9.39 23.27
C THR C 129 6.27 -8.54 23.04
N VAL C 130 6.07 -7.27 22.71
CA VAL C 130 7.17 -6.31 22.59
C VAL C 130 7.83 -6.18 23.96
N LEU C 131 7.02 -6.05 25.00
CA LEU C 131 7.55 -5.90 26.34
C LEU C 131 8.19 -7.19 26.86
N GLU C 132 7.60 -8.33 26.55
CA GLU C 132 8.13 -9.62 26.95
C GLU C 132 9.47 -9.92 26.29
N GLU C 133 9.55 -9.70 24.98
CA GLU C 133 10.75 -10.04 24.22
C GLU C 133 11.89 -9.04 24.45
N HIS C 134 11.53 -7.77 24.64
CA HIS C 134 12.54 -6.70 24.68
C HIS C 134 12.79 -6.11 26.04
N GLY C 135 11.84 -6.23 26.94
CA GLY C 135 11.93 -5.50 28.22
C GLY C 135 11.72 -4.02 27.98
N TYR C 136 11.65 -3.25 29.05
CA TYR C 136 11.56 -1.79 28.92
C TYR C 136 12.22 -1.07 30.07
N LEU C 137 12.56 0.18 29.80
CA LEU C 137 13.25 1.02 30.77
C LEU C 137 12.34 2.04 31.43
N GLU C 138 11.35 2.53 30.70
CA GLU C 138 10.39 3.50 31.25
C GLU C 138 9.08 3.41 30.47
N ALA C 139 7.98 3.72 31.14
CA ALA C 139 6.65 3.70 30.49
C ALA C 139 5.81 4.84 31.07
N TYR C 140 5.08 5.54 30.21
CA TYR C 140 4.27 6.68 30.60
C TYR C 140 2.89 6.67 29.97
N GLU C 141 1.93 7.20 30.71
CA GLU C 141 0.59 7.41 30.19
C GLU C 141 0.63 8.66 29.32
N VAL C 142 0.00 8.62 28.15
CA VAL C 142 0.04 9.74 27.19
C VAL C 142 -1.18 10.68 27.40
N THR C 143 -0.95 11.78 28.11
CA THR C 143 -2.06 12.67 28.52
C THR C 143 -1.80 14.16 28.29
N SER C 144 -0.55 14.57 28.07
CA SER C 144 -0.23 15.98 27.94
C SER C 144 -0.82 16.62 26.68
N PRO C 145 -1.50 17.78 26.84
CA PRO C 145 -2.03 18.48 25.66
C PRO C 145 -0.92 19.04 24.74
N LYS C 146 0.33 18.91 25.17
CA LYS C 146 1.44 19.25 24.30
C LYS C 146 1.61 18.21 23.20
N VAL C 147 1.07 17.01 23.43
CA VAL C 147 1.26 15.90 22.47
C VAL C 147 -0.02 15.20 21.99
N ILE C 148 -1.17 15.50 22.61
CA ILE C 148 -2.49 15.05 22.10
C ILE C 148 -3.45 16.22 22.00
N PRO C 149 -4.54 16.08 21.21
CA PRO C 149 -5.51 17.18 21.08
C PRO C 149 -6.22 17.41 22.39
N GLU C 150 -6.53 18.68 22.68
CA GLU C 150 -7.41 19.02 23.80
C GLU C 150 -8.84 18.56 23.55
N GLN C 151 -9.20 18.41 22.28
CA GLN C 151 -10.54 17.94 21.92
C GLN C 151 -10.42 16.80 20.93
N PRO C 152 -10.04 15.59 21.42
CA PRO C 152 -9.76 14.49 20.47
C PRO C 152 -11.04 13.94 19.84
N GLU C 153 -10.97 13.60 18.55
CA GLU C 153 -12.10 13.04 17.83
C GLU C 153 -12.44 11.69 18.46
N PRO C 154 -13.66 11.54 19.02
CA PRO C 154 -13.99 10.31 19.77
C PRO C 154 -13.76 9.01 19.00
N THR C 155 -14.03 8.99 17.69
CA THR C 155 -13.88 7.74 16.95
C THR C 155 -12.54 7.61 16.22
N PHE C 156 -11.53 8.43 16.54
CA PHE C 156 -10.26 8.34 15.84
C PHE C 156 -9.03 8.42 16.76
N TYR C 157 -9.02 7.64 17.85
CA TYR C 157 -7.87 7.67 18.79
C TYR C 157 -6.59 7.16 18.15
N SER C 158 -6.69 6.33 17.11
CA SER C 158 -5.46 5.92 16.38
C SER C 158 -4.70 7.15 15.83
N ARG C 159 -5.46 8.17 15.41
CA ARG C 159 -4.87 9.46 14.98
C ARG C 159 -4.49 10.33 16.21
N GLU C 160 -5.46 10.56 17.09
CA GLU C 160 -5.33 11.54 18.20
C GLU C 160 -4.33 11.11 19.26
N MET C 161 -4.38 9.82 19.61
CA MET C 161 -3.67 9.32 20.77
C MET C 161 -2.48 8.44 20.40
N VAL C 162 -2.19 8.33 19.10
CA VAL C 162 -1.04 7.53 18.65
C VAL C 162 -0.26 8.28 17.58
N ALA C 163 -0.86 8.50 16.41
CA ALA C 163 -0.18 9.22 15.32
C ALA C 163 0.40 10.56 15.78
N ILE C 164 -0.45 11.41 16.35
CA ILE C 164 -0.04 12.75 16.78
C ILE C 164 1.11 12.72 17.80
N PRO C 165 0.91 12.04 18.95
CA PRO C 165 2.02 12.00 19.90
C PRO C 165 3.29 11.30 19.40
N SER C 166 3.17 10.31 18.50
CA SER C 166 4.38 9.64 17.96
C SER C 166 5.26 10.65 17.20
N ALA C 167 4.63 11.60 16.50
CA ALA C 167 5.34 12.64 15.75
C ALA C 167 6.03 13.63 16.70
N HIS C 168 5.41 13.95 17.84
CA HIS C 168 6.10 14.79 18.84
C HIS C 168 7.34 14.05 19.37
N LEU C 169 7.18 12.76 19.67
CA LEU C 169 8.29 11.94 20.15
C LEU C 169 9.43 11.85 19.14
N ALA C 170 9.07 11.64 17.88
CA ALA C 170 10.06 11.63 16.79
C ALA C 170 10.81 12.97 16.72
N ALA C 171 10.08 14.06 16.98
CA ALA C 171 10.62 15.42 16.93
C ALA C 171 11.48 15.78 18.13
N GLY C 172 11.57 14.89 19.12
CA GLY C 172 12.44 15.10 20.26
C GLY C 172 11.72 15.55 21.52
N PHE C 173 10.39 15.50 21.52
CA PHE C 173 9.64 15.81 22.75
C PHE C 173 10.05 14.77 23.82
N PRO C 174 10.46 15.24 25.02
CA PRO C 174 10.96 14.29 26.04
C PRO C 174 9.88 13.28 26.40
N LEU C 175 10.21 11.99 26.29
CA LEU C 175 9.27 10.92 26.62
C LEU C 175 8.64 11.07 28.00
N SER C 176 9.45 11.40 29.02
CA SER C 176 8.95 11.48 30.39
C SER C 176 7.94 12.60 30.61
N GLU C 177 7.81 13.50 29.63
CA GLU C 177 6.88 14.62 29.72
C GLU C 177 5.52 14.38 29.06
N VAL C 178 5.32 13.22 28.45
CA VAL C 178 4.00 12.95 27.87
C VAL C 178 2.90 12.71 28.93
N GLY C 179 3.30 12.40 30.16
CA GLY C 179 2.34 12.11 31.22
C GLY C 179 3.01 11.36 32.35
N ARG C 180 2.22 10.89 33.30
CA ARG C 180 2.78 10.23 34.50
C ARG C 180 3.36 8.84 34.19
N PRO C 181 4.34 8.37 35.01
CA PRO C 181 4.85 7.00 34.86
C PRO C 181 3.76 5.98 35.12
N LEU C 182 3.80 4.87 34.40
CA LEU C 182 2.89 3.77 34.63
C LEU C 182 3.64 2.66 35.35
N GLU C 183 3.06 2.14 36.43
CA GLU C 183 3.58 0.93 37.06
C GLU C 183 3.30 -0.26 36.16
N ASP C 184 4.09 -1.31 36.31
CA ASP C 184 4.03 -2.46 35.41
C ASP C 184 2.64 -3.08 35.33
N HIS C 185 1.96 -3.16 36.48
CA HIS C 185 0.62 -3.74 36.56
C HIS C 185 -0.46 -2.93 35.81
N GLU C 186 -0.15 -1.68 35.50
CA GLU C 186 -1.08 -0.77 34.81
C GLU C 186 -0.97 -0.92 33.29
N ILE C 187 0.03 -1.67 32.84
CA ILE C 187 0.18 -1.93 31.40
C ILE C 187 -0.55 -3.23 31.09
N VAL C 188 -1.65 -3.11 30.34
CA VAL C 188 -2.49 -4.24 30.01
C VAL C 188 -1.71 -5.27 29.18
N ARG C 189 -1.86 -6.53 29.55
CA ARG C 189 -1.30 -7.66 28.80
C ARG C 189 -2.36 -8.66 28.36
N PHE C 190 -2.15 -9.29 27.20
CA PHE C 190 -2.98 -10.43 26.80
C PHE C 190 -2.25 -11.69 27.20
N ASN C 191 -3.01 -12.76 27.40
CA ASN C 191 -2.37 -14.04 27.69
C ASN C 191 -2.06 -14.78 26.40
N ARG C 192 -0.85 -15.34 26.35
CA ARG C 192 -0.52 -16.18 25.22
C ARG C 192 -0.66 -17.64 25.62
N PRO C 193 -1.62 -18.34 24.98
CA PRO C 193 -1.93 -19.75 25.12
C PRO C 193 -0.70 -20.61 24.88
N ALA C 194 -0.45 -21.53 25.81
CA ALA C 194 0.73 -22.39 25.76
C ALA C 194 0.54 -23.55 24.80
N VAL C 195 1.67 -24.02 24.27
CA VAL C 195 1.76 -25.29 23.57
C VAL C 195 1.66 -26.40 24.64
N GLU C 196 0.66 -27.25 24.55
CA GLU C 196 0.51 -28.32 25.54
C GLU C 196 1.20 -29.61 25.07
N GLN C 197 1.36 -30.55 26.01
CA GLN C 197 2.10 -31.77 25.72
C GLN C 197 1.17 -32.96 25.87
N ASP C 198 1.03 -33.70 24.78
CA ASP C 198 0.13 -34.85 24.72
C ASP C 198 0.94 -36.10 24.36
N GLY C 199 1.33 -36.87 25.37
CA GLY C 199 2.34 -37.91 25.20
C GLY C 199 3.62 -37.19 24.82
N GLU C 200 4.24 -37.61 23.72
CA GLU C 200 5.42 -36.89 23.22
C GLU C 200 5.17 -35.95 22.01
N ALA C 201 3.90 -35.82 21.64
CA ALA C 201 3.46 -34.78 20.67
C ALA C 201 3.35 -33.39 21.33
N LEU C 202 3.82 -32.35 20.62
CA LEU C 202 3.65 -30.94 21.01
C LEU C 202 2.34 -30.45 20.39
N VAL C 203 1.46 -29.88 21.21
CA VAL C 203 0.16 -29.41 20.69
C VAL C 203 -0.01 -27.90 20.79
N GLY C 204 -0.22 -27.27 19.64
CA GLY C 204 -0.35 -25.84 19.54
C GLY C 204 -1.44 -25.47 18.55
N VAL C 205 -1.28 -24.32 17.90
CA VAL C 205 -2.26 -23.87 16.92
C VAL C 205 -1.57 -23.28 15.70
N VAL C 206 -2.35 -23.10 14.65
CA VAL C 206 -1.93 -22.29 13.52
C VAL C 206 -2.06 -20.85 14.02
N SER C 207 -0.94 -20.15 14.14
CA SER C 207 -0.93 -18.74 14.56
C SER C 207 -1.24 -17.79 13.40
N ALA C 208 -0.84 -18.17 12.19
CA ALA C 208 -1.13 -17.34 11.00
C ALA C 208 -1.06 -18.15 9.71
N ILE C 209 -1.87 -17.76 8.73
CA ILE C 209 -1.59 -18.12 7.34
C ILE C 209 -0.72 -17.01 6.78
N ASP C 210 0.42 -17.40 6.24
CA ASP C 210 1.41 -16.44 5.81
C ASP C 210 1.13 -15.95 4.39
N HIS C 211 0.30 -14.90 4.28
CA HIS C 211 -0.09 -14.38 2.97
C HIS C 211 1.12 -13.62 2.42
N PRO C 212 1.30 -13.57 1.08
CA PRO C 212 0.48 -14.09 -0.01
C PRO C 212 0.82 -15.52 -0.39
N PHE C 213 1.66 -16.20 0.40
CA PHE C 213 2.22 -17.50 -0.02
C PHE C 213 1.35 -18.71 0.34
N GLY C 214 0.50 -18.57 1.33
CA GLY C 214 -0.30 -19.69 1.84
C GLY C 214 0.53 -20.67 2.66
N ASN C 215 1.66 -20.20 3.22
CA ASN C 215 2.41 -21.01 4.18
C ASN C 215 1.64 -21.02 5.50
N VAL C 216 1.87 -22.04 6.31
CA VAL C 216 1.12 -22.21 7.56
C VAL C 216 2.14 -22.07 8.67
N TRP C 217 1.93 -21.09 9.54
CA TRP C 217 2.81 -20.86 10.68
C TRP C 217 2.13 -21.32 11.95
N THR C 218 2.85 -22.06 12.76
CA THR C 218 2.32 -22.48 14.05
C THR C 218 2.98 -21.69 15.19
N ASN C 219 2.39 -21.82 16.38
CA ASN C 219 2.92 -21.22 17.62
C ASN C 219 3.92 -22.15 18.32
N ILE C 220 4.35 -23.19 17.61
CA ILE C 220 5.27 -24.19 18.15
C ILE C 220 6.68 -23.76 17.81
N HIS C 221 7.40 -23.45 18.88
CA HIS C 221 8.69 -22.85 18.73
C HIS C 221 9.79 -23.90 18.64
N ARG C 222 10.88 -23.53 17.95
CA ARG C 222 12.11 -24.33 17.93
C ARG C 222 12.43 -24.84 19.33
N THR C 223 12.30 -23.96 20.33
CA THR C 223 12.57 -24.31 21.73
C THR C 223 11.64 -25.40 22.26
N ASP C 224 10.36 -25.35 21.90
CA ASP C 224 9.41 -26.44 22.19
C ASP C 224 9.89 -27.72 21.53
N LEU C 225 10.30 -27.63 20.26
CA LEU C 225 10.79 -28.78 19.49
C LEU C 225 12.07 -29.37 20.08
N GLU C 226 13.08 -28.53 20.29
CA GLU C 226 14.37 -29.01 20.84
C GLU C 226 14.30 -29.20 22.36
N LYS C 227 13.17 -29.75 22.79
CA LYS C 227 12.89 -30.11 24.17
C LYS C 227 12.07 -31.40 24.11
N ALA C 228 11.62 -31.71 22.90
CA ALA C 228 11.01 -33.00 22.62
C ALA C 228 11.93 -33.83 21.72
N GLY C 229 13.13 -33.31 21.48
CA GLY C 229 14.17 -34.04 20.75
C GLY C 229 14.19 -33.90 19.23
N ILE C 230 13.80 -32.72 18.73
CA ILE C 230 13.65 -32.46 17.30
C ILE C 230 14.56 -31.30 16.80
N GLY C 231 15.45 -31.55 15.81
CA GLY C 231 16.27 -30.52 15.07
C GLY C 231 16.19 -30.81 13.58
N TYR C 232 16.95 -30.11 12.74
CA TYR C 232 16.90 -30.34 11.29
C TYR C 232 17.27 -31.76 10.91
N GLY C 233 16.50 -32.31 9.99
CA GLY C 233 16.70 -33.69 9.54
C GLY C 233 15.70 -34.64 10.18
N ALA C 234 15.07 -34.23 11.27
CA ALA C 234 14.12 -35.11 11.98
C ALA C 234 12.85 -35.36 11.16
N ARG C 235 12.49 -36.63 10.98
CA ARG C 235 11.21 -36.98 10.33
C ARG C 235 10.03 -36.64 11.23
N LEU C 236 9.17 -35.75 10.77
CA LEU C 236 8.05 -35.29 11.59
C LEU C 236 6.70 -35.68 11.03
N ARG C 237 5.73 -35.85 11.93
CA ARG C 237 4.32 -35.86 11.53
C ARG C 237 3.61 -34.65 12.14
N LEU C 238 3.09 -33.81 11.26
CA LEU C 238 2.41 -32.56 11.62
C LEU C 238 0.94 -32.73 11.28
N THR C 239 0.09 -32.75 12.28
CA THR C 239 -1.35 -32.83 12.00
C THR C 239 -2.06 -31.50 12.25
N LEU C 240 -2.83 -31.07 11.25
CA LEU C 240 -3.61 -29.82 11.27
C LEU C 240 -5.15 -29.99 11.32
N ASP C 241 -5.86 -29.04 11.96
CA ASP C 241 -7.37 -29.02 12.11
C ASP C 241 -7.99 -30.34 12.61
N GLY C 242 -7.16 -31.16 13.25
CA GLY C 242 -7.61 -32.43 13.78
C GLY C 242 -7.93 -33.46 12.70
N VAL C 243 -7.62 -33.15 11.44
CA VAL C 243 -8.00 -34.04 10.34
C VAL C 243 -6.88 -34.27 9.34
N LEU C 244 -6.33 -33.19 8.80
CA LEU C 244 -5.41 -33.19 7.65
C LEU C 244 -3.97 -33.50 8.05
N PRO C 245 -3.43 -34.65 7.59
CA PRO C 245 -2.07 -35.04 7.93
C PRO C 245 -1.02 -34.73 6.83
N PHE C 246 0.16 -34.32 7.29
CA PHE C 246 1.35 -34.13 6.47
C PHE C 246 2.55 -34.80 7.19
N GLU C 247 3.54 -35.29 6.42
CA GLU C 247 4.79 -35.91 6.92
C GLU C 247 6.00 -35.43 6.10
N ALA C 248 7.04 -34.93 6.77
CA ALA C 248 8.28 -34.51 6.12
C ALA C 248 9.39 -34.35 7.15
N PRO C 249 10.66 -34.43 6.70
CA PRO C 249 11.73 -34.06 7.61
C PRO C 249 11.74 -32.56 7.81
N LEU C 250 12.18 -32.12 8.99
CA LEU C 250 12.37 -30.70 9.26
C LEU C 250 13.61 -30.23 8.48
N THR C 251 13.42 -29.20 7.65
CA THR C 251 14.46 -28.68 6.74
C THR C 251 14.53 -27.17 6.92
N PRO C 252 15.69 -26.54 6.61
CA PRO C 252 15.74 -25.09 6.77
C PRO C 252 14.93 -24.27 5.77
N THR C 253 14.67 -24.78 4.57
CA THR C 253 13.99 -23.98 3.57
C THR C 253 13.02 -24.78 2.67
N PHE C 254 12.30 -24.07 1.82
CA PHE C 254 11.26 -24.66 0.97
C PHE C 254 11.81 -25.63 -0.10
N ALA C 255 12.86 -25.21 -0.81
CA ALA C 255 13.43 -25.98 -1.93
C ALA C 255 14.05 -27.32 -1.49
N ASP C 256 14.30 -27.46 -0.20
CA ASP C 256 14.74 -28.73 0.39
C ASP C 256 13.75 -29.88 0.20
N ALA C 257 12.49 -29.53 -0.08
CA ALA C 257 11.41 -30.47 -0.35
C ALA C 257 11.55 -31.18 -1.71
N GLY C 258 12.42 -30.64 -2.56
CA GLY C 258 12.66 -31.20 -3.90
C GLY C 258 11.75 -30.59 -4.94
N GLU C 259 10.90 -31.41 -5.53
CA GLU C 259 10.07 -30.96 -6.61
C GLU C 259 9.11 -29.86 -6.14
N ILE C 260 8.75 -28.98 -7.08
CA ILE C 260 7.69 -27.99 -6.85
C ILE C 260 6.40 -28.68 -6.37
N GLY C 261 5.81 -28.11 -5.31
CA GLY C 261 4.55 -28.65 -4.76
C GLY C 261 4.73 -29.60 -3.59
N ASN C 262 5.95 -30.13 -3.42
CA ASN C 262 6.24 -31.07 -2.32
C ASN C 262 6.16 -30.37 -0.95
N ILE C 263 5.81 -31.12 0.08
CA ILE C 263 5.64 -30.55 1.43
C ILE C 263 7.00 -30.24 2.04
N ALA C 264 7.11 -29.04 2.58
CA ALA C 264 8.26 -28.64 3.39
C ALA C 264 7.75 -28.35 4.81
N ILE C 265 8.37 -28.98 5.79
CA ILE C 265 8.19 -28.63 7.18
C ILE C 265 9.52 -27.97 7.64
N TYR C 266 9.43 -26.74 8.17
CA TYR C 266 10.60 -25.88 8.32
C TYR C 266 10.41 -24.93 9.49
N LEU C 267 11.46 -24.18 9.81
CA LEU C 267 11.34 -23.09 10.78
C LEU C 267 11.30 -21.75 10.05
N ASN C 268 10.26 -20.95 10.32
CA ASN C 268 10.11 -19.63 9.68
C ASN C 268 11.15 -18.62 10.20
N SER C 269 11.23 -17.47 9.55
CA SER C 269 12.22 -16.43 9.88
C SER C 269 12.05 -15.86 11.29
N ARG C 270 10.98 -16.26 11.99
CA ARG C 270 10.68 -15.89 13.39
C ARG C 270 10.95 -17.08 14.25
N GLY C 271 11.47 -18.10 13.62
CA GLY C 271 11.87 -19.29 14.35
C GLY C 271 10.76 -20.24 14.79
N TYR C 272 9.58 -20.16 14.16
CA TYR C 272 8.49 -21.08 14.55
C TYR C 272 8.29 -22.21 13.53
N LEU C 273 7.88 -23.37 14.02
CA LEU C 273 7.52 -24.52 13.17
C LEU C 273 6.44 -24.14 12.17
N SER C 274 6.72 -24.38 10.91
CA SER C 274 5.82 -23.99 9.85
C SER C 274 5.69 -25.10 8.81
N ILE C 275 4.66 -25.03 7.99
CA ILE C 275 4.52 -25.99 6.89
C ILE C 275 4.08 -25.30 5.59
N ALA C 276 4.62 -25.78 4.48
CA ALA C 276 4.40 -25.17 3.18
C ALA C 276 4.50 -26.22 2.10
N ARG C 277 4.09 -25.83 0.88
CA ARG C 277 4.52 -26.53 -0.31
C ARG C 277 5.64 -25.73 -0.94
N ASN C 278 6.53 -26.43 -1.61
CA ASN C 278 7.64 -25.77 -2.27
C ASN C 278 7.16 -25.04 -3.52
N ALA C 279 7.23 -23.71 -3.46
CA ALA C 279 6.77 -22.79 -4.51
C ALA C 279 5.38 -23.13 -5.04
N ALA C 280 4.49 -23.44 -4.10
CA ALA C 280 3.06 -23.60 -4.31
C ALA C 280 2.39 -23.25 -2.98
N SER C 281 1.13 -22.84 -3.03
CA SER C 281 0.42 -22.51 -1.82
C SER C 281 -0.18 -23.76 -1.16
N LEU C 282 0.09 -23.93 0.13
CA LEU C 282 -0.51 -25.01 0.91
C LEU C 282 -1.92 -24.68 1.43
N ALA C 283 -2.03 -23.52 2.06
CA ALA C 283 -3.22 -23.14 2.82
C ALA C 283 -4.44 -22.94 1.93
N TYR C 284 -4.23 -22.29 0.78
CA TYR C 284 -5.38 -21.82 -0.01
C TYR C 284 -6.23 -22.97 -0.60
N PRO C 285 -5.60 -23.98 -1.24
CA PRO C 285 -6.44 -25.06 -1.80
C PRO C 285 -7.21 -25.88 -0.77
N TYR C 286 -6.66 -26.03 0.43
CA TYR C 286 -7.32 -26.82 1.48
C TYR C 286 -8.06 -25.94 2.46
N HIS C 287 -8.08 -24.63 2.20
CA HIS C 287 -8.79 -23.66 3.05
C HIS C 287 -8.38 -23.76 4.51
N LEU C 288 -7.06 -23.85 4.73
CA LEU C 288 -6.49 -23.92 6.07
C LEU C 288 -6.54 -22.54 6.67
N LYS C 289 -6.72 -22.46 7.97
CA LYS C 289 -7.02 -21.20 8.64
C LYS C 289 -6.31 -21.06 9.98
N GLU C 290 -6.08 -19.82 10.36
CA GLU C 290 -5.55 -19.49 11.67
C GLU C 290 -6.50 -19.97 12.76
N GLY C 291 -5.97 -20.49 13.86
CA GLY C 291 -6.80 -21.01 14.95
C GLY C 291 -7.04 -22.51 14.89
N MET C 292 -6.77 -23.11 13.72
CA MET C 292 -6.81 -24.57 13.60
C MET C 292 -5.71 -25.17 14.48
N SER C 293 -6.00 -26.31 15.11
CA SER C 293 -5.05 -27.03 15.97
C SER C 293 -3.85 -27.47 15.12
N ALA C 294 -2.68 -27.58 15.76
CA ALA C 294 -1.48 -28.09 15.14
C ALA C 294 -0.73 -28.95 16.18
N ARG C 295 -0.40 -30.16 15.74
CA ARG C 295 0.20 -31.18 16.59
C ARG C 295 1.44 -31.70 15.87
N VAL C 296 2.60 -31.72 16.53
CA VAL C 296 3.80 -32.26 15.92
C VAL C 296 4.47 -33.33 16.81
N GLU C 297 4.99 -34.36 16.15
CA GLU C 297 5.67 -35.46 16.81
C GLU C 297 6.81 -36.02 15.94
N ALA C 298 7.88 -36.50 16.58
CA ALA C 298 9.01 -37.14 15.92
C ALA C 298 8.76 -38.64 15.82
O2' 5FD D . -9.45 6.24 -14.67
C2' 5FD D . -8.45 5.44 -15.34
C3' 5FD D . -7.05 6.00 -15.05
O3' 5FD D . -7.10 7.03 -14.04
C4' 5FD D . -6.70 6.65 -16.37
C5' 5FD D . -5.23 6.39 -16.45
F19 5FD D . -4.68 7.61 -16.34
O4' 5FD D . -7.25 5.80 -17.35
C1' 5FD D . -8.58 5.57 -16.88
N9 5FD D . -9.08 4.29 -17.43
C8 5FD D . -8.55 3.09 -17.27
N7 5FD D . -9.30 2.18 -17.92
C5 5FD D . -10.30 2.81 -18.49
C4 5FD D . -10.16 4.17 -18.20
N3 5FD D . -11.03 5.08 -18.67
C2 5FD D . -12.06 4.72 -19.43
N1 5FD D . -12.23 3.38 -19.73
C6 5FD D . -11.37 2.40 -19.28
N6 5FD D . -11.52 1.10 -19.58
O2' 5FD E . 9.23 -15.70 -2.94
C2' 5FD E . 9.10 -15.74 -1.51
C3' 5FD E . 9.92 -14.62 -0.87
O3' 5FD E . 10.40 -13.67 -1.87
C4' 5FD E . 11.08 -15.36 -0.24
C5' 5FD E . 11.49 -14.67 1.06
F19 5FD E . 12.37 -13.66 0.74
O4' 5FD E . 10.48 -16.57 0.19
C1' 5FD E . 9.78 -17.01 -0.96
N9 5FD E . 8.78 -17.96 -0.50
C8 5FD E . 7.80 -17.75 0.40
N7 5FD E . 7.09 -18.88 0.53
C5 5FD E . 7.63 -19.80 -0.28
C4 5FD E . 8.71 -19.21 -0.92
N3 5FD E . 9.49 -19.89 -1.81
C2 5FD E . 9.21 -21.16 -2.10
N1 5FD E . 8.13 -21.82 -1.47
C6 5FD E . 7.33 -21.15 -0.56
N6 5FD E . 6.31 -21.76 0.02
O2' 5FD F . -9.74 -0.05 15.87
C2' 5FD F . -10.41 0.96 15.09
C3' 5FD F . -9.53 2.19 14.81
O3' 5FD F . -8.14 1.96 15.02
C4' 5FD F . -10.02 3.17 15.86
C5' 5FD F . -9.98 4.54 15.19
F19 5FD F . -8.80 5.11 15.56
O4' 5FD F . -11.39 2.98 15.81
C1' 5FD F . -11.55 1.56 15.94
N9 5FD F . -12.88 1.15 15.43
C8 5FD F . -13.38 1.37 14.20
N7 5FD F . -14.59 0.82 14.13
C5 5FD F . -14.88 0.27 15.31
C4 5FD F . -13.79 0.50 16.14
N3 5FD F . -13.78 0.08 17.42
C2 5FD F . -14.79 -0.58 17.93
N1 5FD F . -15.94 -0.82 17.16
C6 5FD F . -16.00 -0.40 15.84
N6 5FD F . -17.12 -0.66 15.14
#